data_6AY8
# 
_entry.id   6AY8 
# 
_audit_conform.dict_name       mmcif_pdbx.dic 
_audit_conform.dict_version    5.398 
_audit_conform.dict_location   http://mmcif.pdb.org/dictionaries/ascii/mmcif_pdbx.dic 
# 
loop_
_database_2.database_id 
_database_2.database_code 
_database_2.pdbx_database_accession 
_database_2.pdbx_DOI 
PDB   6AY8         pdb_00006ay8 10.2210/pdb6ay8/pdb 
WWPDB D_1000229995 ?            ?                   
# 
loop_
_pdbx_audit_revision_history.ordinal 
_pdbx_audit_revision_history.data_content_type 
_pdbx_audit_revision_history.major_revision 
_pdbx_audit_revision_history.minor_revision 
_pdbx_audit_revision_history.revision_date 
1 'Structure model' 1 0 2018-08-22 
2 'Structure model' 1 1 2023-10-04 
3 'Structure model' 1 2 2024-11-06 
# 
_pdbx_audit_revision_details.ordinal             1 
_pdbx_audit_revision_details.revision_ordinal    1 
_pdbx_audit_revision_details.data_content_type   'Structure model' 
_pdbx_audit_revision_details.provider            repository 
_pdbx_audit_revision_details.type                'Initial release' 
_pdbx_audit_revision_details.description         ? 
_pdbx_audit_revision_details.details             ? 
# 
loop_
_pdbx_audit_revision_group.ordinal 
_pdbx_audit_revision_group.revision_ordinal 
_pdbx_audit_revision_group.data_content_type 
_pdbx_audit_revision_group.group 
1 2 'Structure model' 'Data collection'        
2 2 'Structure model' 'Database references'    
3 2 'Structure model' 'Refinement description' 
4 3 'Structure model' 'Structure summary'      
# 
loop_
_pdbx_audit_revision_category.ordinal 
_pdbx_audit_revision_category.revision_ordinal 
_pdbx_audit_revision_category.data_content_type 
_pdbx_audit_revision_category.category 
1 2 'Structure model' chem_comp_atom                
2 2 'Structure model' chem_comp_bond                
3 2 'Structure model' database_2                    
4 2 'Structure model' pdbx_initial_refinement_model 
5 3 'Structure model' pdbx_entry_details            
6 3 'Structure model' pdbx_modification_feature     
# 
loop_
_pdbx_audit_revision_item.ordinal 
_pdbx_audit_revision_item.revision_ordinal 
_pdbx_audit_revision_item.data_content_type 
_pdbx_audit_revision_item.item 
1 2 'Structure model' '_database_2.pdbx_DOI'                
2 2 'Structure model' '_database_2.pdbx_database_accession' 
# 
_pdbx_database_status.status_code                     REL 
_pdbx_database_status.status_code_sf                  REL 
_pdbx_database_status.status_code_mr                  ? 
_pdbx_database_status.entry_id                        6AY8 
_pdbx_database_status.recvd_initial_deposition_date   2017-09-07 
_pdbx_database_status.SG_entry                        N 
_pdbx_database_status.deposit_site                    RCSB 
_pdbx_database_status.process_site                    RCSB 
_pdbx_database_status.status_code_cs                  ? 
_pdbx_database_status.methods_development_category    ? 
_pdbx_database_status.pdb_format_compatible           Y 
_pdbx_database_status.status_code_nmr_data            ? 
# 
loop_
_pdbx_database_related.db_name 
_pdbx_database_related.details 
_pdbx_database_related.db_id 
_pdbx_database_related.content_type 
PDB . 6ATM unspecified 
PDB . 6ATY unspecified 
PDB . 6AY7 unspecified 
# 
loop_
_audit_author.name 
_audit_author.pdbx_ordinal 
_audit_author.identifier_ORCID 
'Gewe, M.M.'   1 ? 
'Strong, R.K.' 2 ? 
'Watson, A.'   3 ? 
# 
_citation.abstract                  ? 
_citation.abstract_id_CAS           ? 
_citation.book_id_ISBN              ? 
_citation.book_publisher            ? 
_citation.book_publisher_city       ? 
_citation.book_title                ? 
_citation.coordinate_linkage        ? 
_citation.country                   ? 
_citation.database_id_Medline       ? 
_citation.details                   ? 
_citation.id                        primary 
_citation.journal_abbrev            'To Be Published' 
_citation.journal_id_ASTM           ? 
_citation.journal_id_CSD            0353 
_citation.journal_id_ISSN           ? 
_citation.journal_full              ? 
_citation.journal_issue             ? 
_citation.journal_volume            ? 
_citation.language                  ? 
_citation.page_first                ? 
_citation.page_last                 ? 
_citation.title                     'Cartilage homing cysteine-dense-peptides' 
_citation.year                      ? 
_citation.database_id_CSD           ? 
_citation.pdbx_database_id_DOI      ? 
_citation.pdbx_database_id_PubMed   ? 
_citation.unpublished_flag          ? 
# 
_citation_author.citation_id        primary 
_citation_author.name               'Gewe, M.M.' 
_citation_author.ordinal            1 
_citation_author.identifier_ORCID   ? 
# 
loop_
_entity.id 
_entity.type 
_entity.src_method 
_entity.pdbx_description 
_entity.formula_weight 
_entity.pdbx_number_of_molecules 
_entity.pdbx_ec 
_entity.pdbx_mutation 
_entity.pdbx_fragment 
_entity.details 
1 polymer     man 'Potassium channel toxin alpha-KTx 15.8' 4238.868 1  ? ? ? ? 
2 non-polymer syn 'SULFATE ION'                            96.063   3  ? ? ? ? 
3 water       nat water                                    18.015   33 ? ? ? ? 
# 
_entity_name_com.entity_id   1 
_entity_name_com.name        'BmKKx1,Neurotoxin Kk4' 
# 
_entity_poly.entity_id                      1 
_entity_poly.type                           'polypeptide(L)' 
_entity_poly.nstd_linkage                   no 
_entity_poly.nstd_monomer                   no 
_entity_poly.pdbx_seq_one_letter_code       GSQVQTNVRCQGGSCASVCRREIGVAAGRCINGRCVCYRN 
_entity_poly.pdbx_seq_one_letter_code_can   GSQVQTNVRCQGGSCASVCRREIGVAAGRCINGRCVCYRN 
_entity_poly.pdbx_strand_id                 A 
_entity_poly.pdbx_target_identifier         ? 
# 
loop_
_pdbx_entity_nonpoly.entity_id 
_pdbx_entity_nonpoly.name 
_pdbx_entity_nonpoly.comp_id 
2 'SULFATE ION' SO4 
3 water         HOH 
# 
loop_
_entity_poly_seq.entity_id 
_entity_poly_seq.num 
_entity_poly_seq.mon_id 
_entity_poly_seq.hetero 
1 1  GLY n 
1 2  SER n 
1 3  GLN n 
1 4  VAL n 
1 5  GLN n 
1 6  THR n 
1 7  ASN n 
1 8  VAL n 
1 9  ARG n 
1 10 CYS n 
1 11 GLN n 
1 12 GLY n 
1 13 GLY n 
1 14 SER n 
1 15 CYS n 
1 16 ALA n 
1 17 SER n 
1 18 VAL n 
1 19 CYS n 
1 20 ARG n 
1 21 ARG n 
1 22 GLU n 
1 23 ILE n 
1 24 GLY n 
1 25 VAL n 
1 26 ALA n 
1 27 ALA n 
1 28 GLY n 
1 29 ARG n 
1 30 CYS n 
1 31 ILE n 
1 32 ASN n 
1 33 GLY n 
1 34 ARG n 
1 35 CYS n 
1 36 VAL n 
1 37 CYS n 
1 38 TYR n 
1 39 ARG n 
1 40 ASN n 
# 
_entity_src_gen.entity_id                          1 
_entity_src_gen.pdbx_src_id                        1 
_entity_src_gen.pdbx_alt_source_flag               sample 
_entity_src_gen.pdbx_seq_type                      'Biological sequence' 
_entity_src_gen.pdbx_beg_seq_num                   1 
_entity_src_gen.pdbx_end_seq_num                   40 
_entity_src_gen.gene_src_common_name               'Manchurian scorpion' 
_entity_src_gen.gene_src_genus                     ? 
_entity_src_gen.pdbx_gene_src_gene                 ? 
_entity_src_gen.gene_src_species                   ? 
_entity_src_gen.gene_src_strain                    ? 
_entity_src_gen.gene_src_tissue                    ? 
_entity_src_gen.gene_src_tissue_fraction           ? 
_entity_src_gen.gene_src_details                   ? 
_entity_src_gen.pdbx_gene_src_fragment             ? 
_entity_src_gen.pdbx_gene_src_scientific_name      'Mesobuthus martensii' 
_entity_src_gen.pdbx_gene_src_ncbi_taxonomy_id     34649 
_entity_src_gen.pdbx_gene_src_variant              ? 
_entity_src_gen.pdbx_gene_src_cell_line            ? 
_entity_src_gen.pdbx_gene_src_atcc                 ? 
_entity_src_gen.pdbx_gene_src_organ                ? 
_entity_src_gen.pdbx_gene_src_organelle            ? 
_entity_src_gen.pdbx_gene_src_cell                 ? 
_entity_src_gen.pdbx_gene_src_cellular_location    ? 
_entity_src_gen.host_org_common_name               ? 
_entity_src_gen.pdbx_host_org_scientific_name      'Homo sapiens' 
_entity_src_gen.pdbx_host_org_ncbi_taxonomy_id     9606 
_entity_src_gen.host_org_genus                     ? 
_entity_src_gen.pdbx_host_org_gene                 ? 
_entity_src_gen.pdbx_host_org_organ                ? 
_entity_src_gen.host_org_species                   ? 
_entity_src_gen.pdbx_host_org_tissue               ? 
_entity_src_gen.pdbx_host_org_tissue_fraction      ? 
_entity_src_gen.pdbx_host_org_strain               ? 
_entity_src_gen.pdbx_host_org_variant              ? 
_entity_src_gen.pdbx_host_org_cell_line            ? 
_entity_src_gen.pdbx_host_org_atcc                 ? 
_entity_src_gen.pdbx_host_org_culture_collection   ? 
_entity_src_gen.pdbx_host_org_cell                 HEK-293F 
_entity_src_gen.pdbx_host_org_organelle            ? 
_entity_src_gen.pdbx_host_org_cellular_location    ? 
_entity_src_gen.pdbx_host_org_vector_type          ? 
_entity_src_gen.pdbx_host_org_vector               ? 
_entity_src_gen.host_org_details                   ? 
_entity_src_gen.expression_system_id               ? 
_entity_src_gen.plasmid_name                       ? 
_entity_src_gen.plasmid_details                    ? 
_entity_src_gen.pdbx_description                   ? 
# 
loop_
_chem_comp.id 
_chem_comp.type 
_chem_comp.mon_nstd_flag 
_chem_comp.name 
_chem_comp.pdbx_synonyms 
_chem_comp.formula 
_chem_comp.formula_weight 
ALA 'L-peptide linking' y ALANINE         ? 'C3 H7 N O2'     89.093  
ARG 'L-peptide linking' y ARGININE        ? 'C6 H15 N4 O2 1' 175.209 
ASN 'L-peptide linking' y ASPARAGINE      ? 'C4 H8 N2 O3'    132.118 
CYS 'L-peptide linking' y CYSTEINE        ? 'C3 H7 N O2 S'   121.158 
GLN 'L-peptide linking' y GLUTAMINE       ? 'C5 H10 N2 O3'   146.144 
GLU 'L-peptide linking' y 'GLUTAMIC ACID' ? 'C5 H9 N O4'     147.129 
GLY 'peptide linking'   y GLYCINE         ? 'C2 H5 N O2'     75.067  
HOH non-polymer         . WATER           ? 'H2 O'           18.015  
ILE 'L-peptide linking' y ISOLEUCINE      ? 'C6 H13 N O2'    131.173 
LYS 'L-peptide linking' y LYSINE          ? 'C6 H15 N2 O2 1' 147.195 
SER 'L-peptide linking' y SERINE          ? 'C3 H7 N O3'     105.093 
SO4 non-polymer         . 'SULFATE ION'   ? 'O4 S -2'        96.063  
THR 'L-peptide linking' y THREONINE       ? 'C4 H9 N O3'     119.119 
TYR 'L-peptide linking' y TYROSINE        ? 'C9 H11 N O3'    181.189 
VAL 'L-peptide linking' y VALINE          ? 'C5 H11 N O2'    117.146 
# 
loop_
_pdbx_poly_seq_scheme.asym_id 
_pdbx_poly_seq_scheme.entity_id 
_pdbx_poly_seq_scheme.seq_id 
_pdbx_poly_seq_scheme.mon_id 
_pdbx_poly_seq_scheme.ndb_seq_num 
_pdbx_poly_seq_scheme.pdb_seq_num 
_pdbx_poly_seq_scheme.auth_seq_num 
_pdbx_poly_seq_scheme.pdb_mon_id 
_pdbx_poly_seq_scheme.auth_mon_id 
_pdbx_poly_seq_scheme.pdb_strand_id 
_pdbx_poly_seq_scheme.pdb_ins_code 
_pdbx_poly_seq_scheme.hetero 
A 1 1  GLY 1  -2 -2 GLY GLY A . n 
A 1 2  SER 2  -1 -1 SER SER A . n 
A 1 3  GLN 3  0  0  GLN GLN A . n 
A 1 4  VAL 4  1  1  VAL VAL A . n 
A 1 5  GLN 5  2  2  GLN GLN A . n 
A 1 6  THR 6  3  3  THR THR A . n 
A 1 7  ASN 7  4  4  ASN ASN A . n 
A 1 8  VAL 8  5  5  VAL VAL A . n 
A 1 9  ARG 9  6  6  ARG ARG A . n 
A 1 10 CYS 10 7  7  CYS CYS A . n 
A 1 11 GLN 11 8  8  GLN GLN A . n 
A 1 12 GLY 12 9  9  GLY GLY A . n 
A 1 13 GLY 13 10 10 GLY GLY A . n 
A 1 14 SER 14 11 11 SER SER A . n 
A 1 15 CYS 15 12 12 CYS CYS A . n 
A 1 16 ALA 16 13 13 ALA ALA A . n 
A 1 17 SER 17 14 14 SER SER A . n 
A 1 18 VAL 18 15 15 VAL VAL A . n 
A 1 19 CYS 19 16 16 CYS CYS A . n 
A 1 20 ARG 20 17 17 ARG ARG A . n 
A 1 21 ARG 21 18 18 ARG ARG A . n 
A 1 22 GLU 22 19 19 GLU GLU A . n 
A 1 23 ILE 23 20 20 ILE ILE A . n 
A 1 24 GLY 24 21 21 GLY GLY A . n 
A 1 25 VAL 25 22 22 VAL VAL A . n 
A 1 26 ALA 26 23 23 ALA ALA A . n 
A 1 27 ALA 27 24 24 ALA ALA A . n 
A 1 28 GLY 28 25 25 GLY GLY A . n 
A 1 29 ARG 29 26 26 ARG ARG A . n 
A 1 30 CYS 30 27 27 CYS CYS A . n 
A 1 31 ILE 31 28 28 ILE ILE A . n 
A 1 32 ASN 32 29 29 ASN ASN A . n 
A 1 33 GLY 33 30 30 GLY GLY A . n 
A 1 34 ARG 34 31 31 ARG ARG A . n 
A 1 35 CYS 35 32 32 CYS CYS A . n 
A 1 36 VAL 36 33 33 VAL VAL A . n 
A 1 37 CYS 37 34 34 CYS CYS A . n 
A 1 38 TYR 38 35 35 TYR TYR A . n 
A 1 39 ARG 39 36 36 ARG ARG A . n 
A 1 40 ASN 40 37 37 ASN ASN A . n 
# 
loop_
_pdbx_nonpoly_scheme.asym_id 
_pdbx_nonpoly_scheme.entity_id 
_pdbx_nonpoly_scheme.mon_id 
_pdbx_nonpoly_scheme.ndb_seq_num 
_pdbx_nonpoly_scheme.pdb_seq_num 
_pdbx_nonpoly_scheme.auth_seq_num 
_pdbx_nonpoly_scheme.pdb_mon_id 
_pdbx_nonpoly_scheme.auth_mon_id 
_pdbx_nonpoly_scheme.pdb_strand_id 
_pdbx_nonpoly_scheme.pdb_ins_code 
B 2 SO4 1  101 1  SO4 SO4 A . 
C 2 SO4 1  102 2  SO4 SO4 A . 
D 2 SO4 1  103 3  SO4 SO4 A . 
E 3 HOH 1  201 20 HOH HOH A . 
E 3 HOH 2  202 34 HOH HOH A . 
E 3 HOH 3  203 28 HOH HOH A . 
E 3 HOH 4  204 7  HOH HOH A . 
E 3 HOH 5  205 5  HOH HOH A . 
E 3 HOH 6  206 18 HOH HOH A . 
E 3 HOH 7  207 17 HOH HOH A . 
E 3 HOH 8  208 1  HOH HOH A . 
E 3 HOH 9  209 23 HOH HOH A . 
E 3 HOH 10 210 14 HOH HOH A . 
E 3 HOH 11 211 3  HOH HOH A . 
E 3 HOH 12 212 27 HOH HOH A . 
E 3 HOH 13 213 15 HOH HOH A . 
E 3 HOH 14 214 9  HOH HOH A . 
E 3 HOH 15 215 6  HOH HOH A . 
E 3 HOH 16 216 19 HOH HOH A . 
E 3 HOH 17 217 13 HOH HOH A . 
E 3 HOH 18 218 11 HOH HOH A . 
E 3 HOH 19 219 2  HOH HOH A . 
E 3 HOH 20 220 16 HOH HOH A . 
E 3 HOH 21 221 31 HOH HOH A . 
E 3 HOH 22 222 10 HOH HOH A . 
E 3 HOH 23 223 12 HOH HOH A . 
E 3 HOH 24 224 30 HOH HOH A . 
E 3 HOH 25 225 25 HOH HOH A . 
E 3 HOH 26 226 24 HOH HOH A . 
E 3 HOH 27 227 22 HOH HOH A . 
E 3 HOH 28 228 8  HOH HOH A . 
E 3 HOH 29 229 21 HOH HOH A . 
E 3 HOH 30 230 32 HOH HOH A . 
E 3 HOH 31 231 26 HOH HOH A . 
E 3 HOH 32 232 33 HOH HOH A . 
E 3 HOH 33 233 29 HOH HOH A . 
# 
loop_
_software.citation_id 
_software.classification 
_software.compiler_name 
_software.compiler_version 
_software.contact_author 
_software.contact_author_email 
_software.date 
_software.description 
_software.dependencies 
_software.hardware 
_software.language 
_software.location 
_software.mods 
_software.name 
_software.os 
_software.os_version 
_software.type 
_software.version 
_software.pdbx_ordinal 
? refinement       ? ? ? ? ? ? ? ? ? ? ? REFMAC   ? ? ? 5.8.0158 1 
? 'data reduction' ? ? ? ? ? ? ? ? ? ? ? HKL-2000 ? ? ? .        2 
? 'data scaling'   ? ? ? ? ? ? ? ? ? ? ? HKL-2000 ? ? ? .        3 
? phasing          ? ? ? ? ? ? ? ? ? ? ? PHASER   ? ? ? .        4 
# 
_cell.angle_alpha                  90.00 
_cell.angle_alpha_esd              ? 
_cell.angle_beta                   90.00 
_cell.angle_beta_esd               ? 
_cell.angle_gamma                  90.00 
_cell.angle_gamma_esd              ? 
_cell.entry_id                     6AY8 
_cell.details                      ? 
_cell.formula_units_Z              ? 
_cell.length_a                     20.240 
_cell.length_a_esd                 ? 
_cell.length_b                     34.927 
_cell.length_b_esd                 ? 
_cell.length_c                     36.977 
_cell.length_c_esd                 ? 
_cell.volume                       ? 
_cell.volume_esd                   ? 
_cell.Z_PDB                        4 
_cell.reciprocal_angle_alpha       ? 
_cell.reciprocal_angle_beta        ? 
_cell.reciprocal_angle_gamma       ? 
_cell.reciprocal_angle_alpha_esd   ? 
_cell.reciprocal_angle_beta_esd    ? 
_cell.reciprocal_angle_gamma_esd   ? 
_cell.reciprocal_length_a          ? 
_cell.reciprocal_length_b          ? 
_cell.reciprocal_length_c          ? 
_cell.reciprocal_length_a_esd      ? 
_cell.reciprocal_length_b_esd      ? 
_cell.reciprocal_length_c_esd      ? 
_cell.pdbx_unique_axis             ? 
# 
_symmetry.entry_id                         6AY8 
_symmetry.cell_setting                     ? 
_symmetry.Int_Tables_number                19 
_symmetry.space_group_name_Hall            ? 
_symmetry.space_group_name_H-M             'P 21 21 21' 
_symmetry.pdbx_full_space_group_name_H-M   ? 
# 
_exptl.absorpt_coefficient_mu     ? 
_exptl.absorpt_correction_T_max   ? 
_exptl.absorpt_correction_T_min   ? 
_exptl.absorpt_correction_type    ? 
_exptl.absorpt_process_details    ? 
_exptl.entry_id                   6AY8 
_exptl.crystals_number            1 
_exptl.details                    ? 
_exptl.method                     'X-RAY DIFFRACTION' 
_exptl.method_details             ? 
# 
_exptl_crystal.colour                      ? 
_exptl_crystal.density_diffrn              ? 
_exptl_crystal.density_Matthews            ? 
_exptl_crystal.density_method              ? 
_exptl_crystal.density_percent_sol         ? 
_exptl_crystal.description                 ? 
_exptl_crystal.F_000                       ? 
_exptl_crystal.id                          1 
_exptl_crystal.preparation                 ? 
_exptl_crystal.size_max                    ? 
_exptl_crystal.size_mid                    ? 
_exptl_crystal.size_min                    ? 
_exptl_crystal.size_rad                    ? 
_exptl_crystal.colour_lustre               ? 
_exptl_crystal.colour_modifier             ? 
_exptl_crystal.colour_primary              ? 
_exptl_crystal.density_meas                ? 
_exptl_crystal.density_meas_esd            ? 
_exptl_crystal.density_meas_gt             ? 
_exptl_crystal.density_meas_lt             ? 
_exptl_crystal.density_meas_temp           ? 
_exptl_crystal.density_meas_temp_esd       ? 
_exptl_crystal.density_meas_temp_gt        ? 
_exptl_crystal.density_meas_temp_lt        ? 
_exptl_crystal.pdbx_crystal_image_url      ? 
_exptl_crystal.pdbx_crystal_image_format   ? 
_exptl_crystal.pdbx_mosaicity              ? 
_exptl_crystal.pdbx_mosaicity_esd          ? 
# 
_exptl_crystal_grow.apparatus       ? 
_exptl_crystal_grow.atmosphere      ? 
_exptl_crystal_grow.crystal_id      1 
_exptl_crystal_grow.details         ? 
_exptl_crystal_grow.method          'VAPOR DIFFUSION, SITTING DROP' 
_exptl_crystal_grow.method_ref      ? 
_exptl_crystal_grow.pH              ? 
_exptl_crystal_grow.pressure        ? 
_exptl_crystal_grow.pressure_esd    ? 
_exptl_crystal_grow.seeding         ? 
_exptl_crystal_grow.seeding_ref     ? 
_exptl_crystal_grow.temp            298 
_exptl_crystal_grow.temp_details    ? 
_exptl_crystal_grow.temp_esd        ? 
_exptl_crystal_grow.time            ? 
_exptl_crystal_grow.pdbx_details    '0.2M Ammonium sulfate, 20% PEG 3350' 
_exptl_crystal_grow.pdbx_pH_range   ? 
# 
_diffrn.ambient_environment    ? 
_diffrn.ambient_temp           100 
_diffrn.ambient_temp_details   ? 
_diffrn.ambient_temp_esd       ? 
_diffrn.crystal_id             1 
_diffrn.crystal_support        ? 
_diffrn.crystal_treatment      ? 
_diffrn.details                ? 
_diffrn.id                     1 
_diffrn.ambient_pressure       ? 
_diffrn.ambient_pressure_esd   ? 
_diffrn.ambient_pressure_gt    ? 
_diffrn.ambient_pressure_lt    ? 
_diffrn.ambient_temp_gt        ? 
_diffrn.ambient_temp_lt        ? 
# 
_diffrn_detector.details                      ? 
_diffrn_detector.detector                     CCD 
_diffrn_detector.diffrn_id                    1 
_diffrn_detector.type                         'RIGAKU SATURN 944' 
_diffrn_detector.area_resol_mean              ? 
_diffrn_detector.dtime                        ? 
_diffrn_detector.pdbx_frames_total            ? 
_diffrn_detector.pdbx_collection_time_total   ? 
_diffrn_detector.pdbx_collection_date         2017-03-22 
# 
_diffrn_radiation.collimation                      ? 
_diffrn_radiation.diffrn_id                        1 
_diffrn_radiation.filter_edge                      ? 
_diffrn_radiation.inhomogeneity                    ? 
_diffrn_radiation.monochromator                    ? 
_diffrn_radiation.polarisn_norm                    ? 
_diffrn_radiation.polarisn_ratio                   ? 
_diffrn_radiation.probe                            ? 
_diffrn_radiation.type                             ? 
_diffrn_radiation.xray_symbol                      ? 
_diffrn_radiation.wavelength_id                    1 
_diffrn_radiation.pdbx_monochromatic_or_laue_m_l   M 
_diffrn_radiation.pdbx_wavelength_list             ? 
_diffrn_radiation.pdbx_wavelength                  ? 
_diffrn_radiation.pdbx_diffrn_protocol             'SINGLE WAVELENGTH' 
_diffrn_radiation.pdbx_analyzer                    ? 
_diffrn_radiation.pdbx_scattering_type             x-ray 
# 
_diffrn_radiation_wavelength.id           1 
_diffrn_radiation_wavelength.wavelength   1.54 
_diffrn_radiation_wavelength.wt           1.0 
# 
_diffrn_source.current                     ? 
_diffrn_source.details                     ? 
_diffrn_source.diffrn_id                   1 
_diffrn_source.power                       ? 
_diffrn_source.size                        ? 
_diffrn_source.source                      'ROTATING ANODE' 
_diffrn_source.target                      ? 
_diffrn_source.type                        'RIGAKU MICROMAX-007 HF' 
_diffrn_source.voltage                     ? 
_diffrn_source.take-off_angle              ? 
_diffrn_source.pdbx_wavelength_list        1.54 
_diffrn_source.pdbx_wavelength             ? 
_diffrn_source.pdbx_synchrotron_beamline   ? 
_diffrn_source.pdbx_synchrotron_site       ? 
# 
_reflns.B_iso_Wilson_estimate            ? 
_reflns.entry_id                         6AY8 
_reflns.data_reduction_details           ? 
_reflns.data_reduction_method            ? 
_reflns.d_resolution_high                1.76 
_reflns.d_resolution_low                 50 
_reflns.details                          ? 
_reflns.limit_h_max                      ? 
_reflns.limit_h_min                      ? 
_reflns.limit_k_max                      ? 
_reflns.limit_k_min                      ? 
_reflns.limit_l_max                      ? 
_reflns.limit_l_min                      ? 
_reflns.number_all                       ? 
_reflns.number_obs                       2368 
_reflns.observed_criterion               ? 
_reflns.observed_criterion_F_max         ? 
_reflns.observed_criterion_F_min         ? 
_reflns.observed_criterion_I_max         ? 
_reflns.observed_criterion_I_min         ? 
_reflns.observed_criterion_sigma_F       ? 
_reflns.observed_criterion_sigma_I       ? 
_reflns.percent_possible_obs             78.3 
_reflns.R_free_details                   ? 
_reflns.Rmerge_F_all                     ? 
_reflns.Rmerge_F_obs                     ? 
_reflns.Friedel_coverage                 ? 
_reflns.number_gt                        ? 
_reflns.threshold_expression             ? 
_reflns.pdbx_redundancy                  10.7 
_reflns.pdbx_Rmerge_I_obs                0.078 
_reflns.pdbx_Rmerge_I_all                ? 
_reflns.pdbx_Rsym_value                  ? 
_reflns.pdbx_netI_over_av_sigmaI         ? 
_reflns.pdbx_netI_over_sigmaI            35.4 
_reflns.pdbx_res_netI_over_av_sigmaI_2   ? 
_reflns.pdbx_res_netI_over_sigmaI_2      ? 
_reflns.pdbx_chi_squared                 ? 
_reflns.pdbx_scaling_rejects             ? 
_reflns.pdbx_d_res_high_opt              ? 
_reflns.pdbx_d_res_low_opt               ? 
_reflns.pdbx_d_res_opt_method            ? 
_reflns.phase_calculation_details        ? 
_reflns.pdbx_Rrim_I_all                  ? 
_reflns.pdbx_Rpim_I_all                  0.023 
_reflns.pdbx_d_opt                       ? 
_reflns.pdbx_number_measured_all         ? 
_reflns.pdbx_diffrn_id                   1 
_reflns.pdbx_ordinal                     1 
_reflns.pdbx_CC_half                     ? 
_reflns.pdbx_R_split                     ? 
# 
_reflns_shell.d_res_high                  1.76 
_reflns_shell.d_res_low                   1.79 
_reflns_shell.meanI_over_sigI_all         ? 
_reflns_shell.meanI_over_sigI_obs         8.5 
_reflns_shell.number_measured_all         ? 
_reflns_shell.number_measured_obs         ? 
_reflns_shell.number_possible             ? 
_reflns_shell.number_unique_all           ? 
_reflns_shell.number_unique_obs           10 
_reflns_shell.percent_possible_all        8.1 
_reflns_shell.percent_possible_obs        ? 
_reflns_shell.Rmerge_F_all                ? 
_reflns_shell.Rmerge_F_obs                ? 
_reflns_shell.Rmerge_I_all                ? 
_reflns_shell.Rmerge_I_obs                0.145 
_reflns_shell.meanI_over_sigI_gt          ? 
_reflns_shell.meanI_over_uI_all           ? 
_reflns_shell.meanI_over_uI_gt            ? 
_reflns_shell.number_measured_gt          ? 
_reflns_shell.number_unique_gt            ? 
_reflns_shell.percent_possible_gt         ? 
_reflns_shell.Rmerge_F_gt                 ? 
_reflns_shell.Rmerge_I_gt                 ? 
_reflns_shell.pdbx_redundancy             2.9 
_reflns_shell.pdbx_Rsym_value             ? 
_reflns_shell.pdbx_chi_squared            ? 
_reflns_shell.pdbx_netI_over_sigmaI_all   ? 
_reflns_shell.pdbx_netI_over_sigmaI_obs   ? 
_reflns_shell.pdbx_Rrim_I_all             ? 
_reflns_shell.pdbx_Rpim_I_all             0.094 
_reflns_shell.pdbx_rejects                ? 
_reflns_shell.pdbx_ordinal                1 
_reflns_shell.pdbx_diffrn_id              1 
_reflns_shell.pdbx_CC_half                0.991 
_reflns_shell.pdbx_R_split                ? 
# 
_refine.aniso_B[1][1]                            0.20 
_refine.aniso_B[1][2]                            0.00 
_refine.aniso_B[1][3]                            0.00 
_refine.aniso_B[2][2]                            -0.09 
_refine.aniso_B[2][3]                            0.00 
_refine.aniso_B[3][3]                            -0.11 
_refine.B_iso_max                                ? 
_refine.B_iso_mean                               10.753 
_refine.B_iso_min                                ? 
_refine.correlation_coeff_Fo_to_Fc               0.979 
_refine.correlation_coeff_Fo_to_Fc_free          0.960 
_refine.details                                  'HYDROGENS HAVE BEEN ADDED IN THE RIDING POSITIONS' 
_refine.diff_density_max                         ? 
_refine.diff_density_max_esd                     ? 
_refine.diff_density_min                         ? 
_refine.diff_density_min_esd                     ? 
_refine.diff_density_rms                         ? 
_refine.diff_density_rms_esd                     ? 
_refine.entry_id                                 6AY8 
_refine.pdbx_refine_id                           'X-RAY DIFFRACTION' 
_refine.ls_abs_structure_details                 ? 
_refine.ls_abs_structure_Flack                   ? 
_refine.ls_abs_structure_Flack_esd               ? 
_refine.ls_abs_structure_Rogers                  ? 
_refine.ls_abs_structure_Rogers_esd              ? 
_refine.ls_d_res_high                            1.78 
_refine.ls_d_res_low                             25.39 
_refine.ls_extinction_coef                       ? 
_refine.ls_extinction_coef_esd                   ? 
_refine.ls_extinction_expression                 ? 
_refine.ls_extinction_method                     ? 
_refine.ls_goodness_of_fit_all                   ? 
_refine.ls_goodness_of_fit_all_esd               ? 
_refine.ls_goodness_of_fit_obs                   ? 
_refine.ls_goodness_of_fit_obs_esd               ? 
_refine.ls_hydrogen_treatment                    ? 
_refine.ls_matrix_type                           ? 
_refine.ls_number_constraints                    ? 
_refine.ls_number_parameters                     ? 
_refine.ls_number_reflns_all                     ? 
_refine.ls_number_reflns_obs                     2207 
_refine.ls_number_reflns_R_free                  139 
_refine.ls_number_reflns_R_work                  ? 
_refine.ls_number_restraints                     ? 
_refine.ls_percent_reflns_obs                    84.72 
_refine.ls_percent_reflns_R_free                 5.9 
_refine.ls_R_factor_all                          ? 
_refine.ls_R_factor_obs                          0.11289 
_refine.ls_R_factor_R_free                       0.16451 
_refine.ls_R_factor_R_free_error                 ? 
_refine.ls_R_factor_R_free_error_details         ? 
_refine.ls_R_factor_R_work                       0.10984 
_refine.ls_R_Fsqd_factor_obs                     ? 
_refine.ls_R_I_factor_obs                        ? 
_refine.ls_redundancy_reflns_all                 ? 
_refine.ls_redundancy_reflns_obs                 ? 
_refine.ls_restrained_S_all                      ? 
_refine.ls_restrained_S_obs                      ? 
_refine.ls_shift_over_esd_max                    ? 
_refine.ls_shift_over_esd_mean                   ? 
_refine.ls_structure_factor_coef                 ? 
_refine.ls_weighting_details                     ? 
_refine.ls_weighting_scheme                      ? 
_refine.ls_wR_factor_all                         ? 
_refine.ls_wR_factor_obs                         ? 
_refine.ls_wR_factor_R_free                      ? 
_refine.ls_wR_factor_R_work                      ? 
_refine.occupancy_max                            ? 
_refine.occupancy_min                            ? 
_refine.solvent_model_details                    ? 
_refine.solvent_model_param_bsol                 ? 
_refine.solvent_model_param_ksol                 ? 
_refine.ls_R_factor_gt                           ? 
_refine.ls_goodness_of_fit_gt                    ? 
_refine.ls_goodness_of_fit_ref                   ? 
_refine.ls_shift_over_su_max                     ? 
_refine.ls_shift_over_su_max_lt                  ? 
_refine.ls_shift_over_su_mean                    ? 
_refine.ls_shift_over_su_mean_lt                 ? 
_refine.pdbx_ls_sigma_I                          ? 
_refine.pdbx_ls_sigma_F                          ? 
_refine.pdbx_ls_sigma_Fsqd                       ? 
_refine.pdbx_data_cutoff_high_absF               ? 
_refine.pdbx_data_cutoff_high_rms_absF           ? 
_refine.pdbx_data_cutoff_low_absF                ? 
_refine.pdbx_isotropic_thermal_model             ? 
_refine.pdbx_ls_cross_valid_method               THROUGHOUT 
_refine.pdbx_method_to_determine_struct          'MOLECULAR REPLACEMENT' 
_refine.pdbx_starting_model                      6ATM 
_refine.pdbx_stereochemistry_target_values       ? 
_refine.pdbx_R_Free_selection_details            RANDOM 
_refine.pdbx_stereochem_target_val_spec_case     ? 
_refine.pdbx_overall_ESU_R                       0.132 
_refine.pdbx_overall_ESU_R_Free                  0.123 
_refine.pdbx_solvent_vdw_probe_radii             1.20 
_refine.pdbx_solvent_ion_probe_radii             0.80 
_refine.pdbx_solvent_shrinkage_radii             0.80 
_refine.pdbx_real_space_R                        ? 
_refine.pdbx_density_correlation                 ? 
_refine.pdbx_pd_number_of_powder_patterns        ? 
_refine.pdbx_pd_number_of_points                 ? 
_refine.pdbx_pd_meas_number_of_points            ? 
_refine.pdbx_pd_proc_ls_prof_R_factor            ? 
_refine.pdbx_pd_proc_ls_prof_wR_factor           ? 
_refine.pdbx_pd_Marquardt_correlation_coeff      ? 
_refine.pdbx_pd_Fsqrd_R_factor                   ? 
_refine.pdbx_pd_ls_matrix_band_width             ? 
_refine.pdbx_overall_phase_error                 ? 
_refine.pdbx_overall_SU_R_free_Cruickshank_DPI   ? 
_refine.pdbx_overall_SU_R_free_Blow_DPI          ? 
_refine.pdbx_overall_SU_R_Blow_DPI               ? 
_refine.pdbx_TLS_residual_ADP_flag               ? 
_refine.pdbx_diffrn_id                           1 
_refine.overall_SU_B                             1.812 
_refine.overall_SU_ML                            0.058 
_refine.overall_SU_R_Cruickshank_DPI             ? 
_refine.overall_SU_R_free                        ? 
_refine.overall_FOM_free_R_set                   ? 
_refine.overall_FOM_work_R_set                   ? 
_refine.pdbx_average_fsc_overall                 ? 
_refine.pdbx_average_fsc_work                    ? 
_refine.pdbx_average_fsc_free                    ? 
# 
_refine_hist.pdbx_refine_id                   'X-RAY DIFFRACTION' 
_refine_hist.cycle_id                         1 
_refine_hist.pdbx_number_atoms_protein        290 
_refine_hist.pdbx_number_atoms_nucleic_acid   0 
_refine_hist.pdbx_number_atoms_ligand         15 
_refine_hist.number_atoms_solvent             33 
_refine_hist.number_atoms_total               338 
_refine_hist.d_res_high                       1.78 
_refine_hist.d_res_low                        25.39 
# 
loop_
_refine_ls_restr.pdbx_refine_id 
_refine_ls_restr.criterion 
_refine_ls_restr.dev_ideal 
_refine_ls_restr.dev_ideal_target 
_refine_ls_restr.number 
_refine_ls_restr.rejects 
_refine_ls_restr.type 
_refine_ls_restr.weight 
_refine_ls_restr.pdbx_restraint_function 
'X-RAY DIFFRACTION' ? 0.018  0.019  305 ? r_bond_refined_d             ? ? 
'X-RAY DIFFRACTION' ? 0.008  0.020  266 ? r_bond_other_d               ? ? 
'X-RAY DIFFRACTION' ? 1.874  1.972  411 ? r_angle_refined_deg          ? ? 
'X-RAY DIFFRACTION' ? 1.080  3.000  609 ? r_angle_other_deg            ? ? 
'X-RAY DIFFRACTION' ? 6.968  5.000  39  ? r_dihedral_angle_1_deg       ? ? 
'X-RAY DIFFRACTION' ? 21.848 20.714 14  ? r_dihedral_angle_2_deg       ? ? 
'X-RAY DIFFRACTION' ? 12.572 15.000 49  ? r_dihedral_angle_3_deg       ? ? 
'X-RAY DIFFRACTION' ? 24.703 15.000 6   ? r_dihedral_angle_4_deg       ? ? 
'X-RAY DIFFRACTION' ? 0.110  0.200  45  ? r_chiral_restr               ? ? 
'X-RAY DIFFRACTION' ? 0.007  0.020  343 ? r_gen_planes_refined         ? ? 
'X-RAY DIFFRACTION' ? 0.002  0.020  67  ? r_gen_planes_other           ? ? 
'X-RAY DIFFRACTION' ? ?      ?      ?   ? r_nbd_refined                ? ? 
'X-RAY DIFFRACTION' ? ?      ?      ?   ? r_nbd_other                  ? ? 
'X-RAY DIFFRACTION' ? ?      ?      ?   ? r_nbtor_refined              ? ? 
'X-RAY DIFFRACTION' ? ?      ?      ?   ? r_nbtor_other                ? ? 
'X-RAY DIFFRACTION' ? ?      ?      ?   ? r_xyhbond_nbd_refined        ? ? 
'X-RAY DIFFRACTION' ? ?      ?      ?   ? r_xyhbond_nbd_other          ? ? 
'X-RAY DIFFRACTION' ? ?      ?      ?   ? r_metal_ion_refined          ? ? 
'X-RAY DIFFRACTION' ? ?      ?      ?   ? r_metal_ion_other            ? ? 
'X-RAY DIFFRACTION' ? ?      ?      ?   ? r_symmetry_vdw_refined       ? ? 
'X-RAY DIFFRACTION' ? ?      ?      ?   ? r_symmetry_vdw_other         ? ? 
'X-RAY DIFFRACTION' ? ?      ?      ?   ? r_symmetry_hbond_refined     ? ? 
'X-RAY DIFFRACTION' ? ?      ?      ?   ? r_symmetry_hbond_other       ? ? 
'X-RAY DIFFRACTION' ? ?      ?      ?   ? r_symmetry_metal_ion_refined ? ? 
'X-RAY DIFFRACTION' ? ?      ?      ?   ? r_symmetry_metal_ion_other   ? ? 
'X-RAY DIFFRACTION' ? 0.673  0.909  159 ? r_mcbond_it                  ? ? 
'X-RAY DIFFRACTION' ? 0.667  0.906  158 ? r_mcbond_other               ? ? 
'X-RAY DIFFRACTION' ? 0.931  1.354  197 ? r_mcangle_it                 ? ? 
'X-RAY DIFFRACTION' ? 0.932  1.357  198 ? r_mcangle_other              ? ? 
'X-RAY DIFFRACTION' ? 1.598  1.246  146 ? r_scbond_it                  ? ? 
'X-RAY DIFFRACTION' ? 1.120  1.079  131 ? r_scbond_other               ? ? 
'X-RAY DIFFRACTION' ? ?      ?      ?   ? r_scangle_it                 ? ? 
'X-RAY DIFFRACTION' ? 1.666  1.560  195 ? r_scangle_other              ? ? 
'X-RAY DIFFRACTION' ? 3.585  11.643 329 ? r_long_range_B_refined       ? ? 
'X-RAY DIFFRACTION' ? 3.589  11.312 321 ? r_long_range_B_other         ? ? 
'X-RAY DIFFRACTION' ? ?      ?      ?   ? r_rigid_bond_restr           ? ? 
'X-RAY DIFFRACTION' ? ?      ?      ?   ? r_sphericity_free            ? ? 
'X-RAY DIFFRACTION' ? ?      ?      ?   ? r_sphericity_bonded          ? ? 
# 
_refine_ls_shell.pdbx_refine_id                   'X-RAY DIFFRACTION' 
_refine_ls_shell.d_res_high                       1.778 
_refine_ls_shell.d_res_low                        1.824 
_refine_ls_shell.number_reflns_all                ? 
_refine_ls_shell.number_reflns_obs                ? 
_refine_ls_shell.number_reflns_R_free             5 
_refine_ls_shell.number_reflns_R_work             42 
_refine_ls_shell.percent_reflns_obs               22.71 
_refine_ls_shell.percent_reflns_R_free            ? 
_refine_ls_shell.R_factor_all                     ? 
_refine_ls_shell.R_factor_obs                     ? 
_refine_ls_shell.R_factor_R_free                  0.283 
_refine_ls_shell.R_factor_R_free_error            ? 
_refine_ls_shell.R_factor_R_work                  0.137 
_refine_ls_shell.redundancy_reflns_all            ? 
_refine_ls_shell.redundancy_reflns_obs            ? 
_refine_ls_shell.wR_factor_all                    ? 
_refine_ls_shell.wR_factor_obs                    ? 
_refine_ls_shell.wR_factor_R_free                 ? 
_refine_ls_shell.wR_factor_R_work                 ? 
_refine_ls_shell.pdbx_total_number_of_bins_used   20 
_refine_ls_shell.pdbx_phase_error                 ? 
_refine_ls_shell.pdbx_fsc_work                    ? 
_refine_ls_shell.pdbx_fsc_free                    ? 
# 
_struct.entry_id                     6AY8 
_struct.title                        'Cartilage homing cysteine-dense-peptides' 
_struct.pdbx_model_details           ? 
_struct.pdbx_formula_weight          ? 
_struct.pdbx_formula_weight_method   ? 
_struct.pdbx_model_type_details      ? 
_struct.pdbx_CASP_flag               N 
# 
_struct_keywords.entry_id        6AY8 
_struct_keywords.text            'Knottins, Cystine knot, Toxins, TOXIN' 
_struct_keywords.pdbx_keywords   TOXIN 
# 
loop_
_struct_asym.id 
_struct_asym.pdbx_blank_PDB_chainid_flag 
_struct_asym.pdbx_modified 
_struct_asym.entity_id 
_struct_asym.details 
A N N 1 ? 
B N N 2 ? 
C N N 2 ? 
D N N 2 ? 
E N N 3 ? 
# 
_struct_ref.id                         1 
_struct_ref.db_name                    UNP 
_struct_ref.db_code                    KA158_MESMA 
_struct_ref.pdbx_db_accession          Q86BX0 
_struct_ref.pdbx_db_isoform            ? 
_struct_ref.entity_id                  1 
_struct_ref.pdbx_seq_one_letter_code   QVQTNVKCQGGSCASVCRREIGVAAGKCINGKCVCYRN 
_struct_ref.pdbx_align_begin           23 
# 
_struct_ref_seq.align_id                      1 
_struct_ref_seq.ref_id                        1 
_struct_ref_seq.pdbx_PDB_id_code              6AY8 
_struct_ref_seq.pdbx_strand_id                A 
_struct_ref_seq.seq_align_beg                 3 
_struct_ref_seq.pdbx_seq_align_beg_ins_code   ? 
_struct_ref_seq.seq_align_end                 40 
_struct_ref_seq.pdbx_seq_align_end_ins_code   ? 
_struct_ref_seq.pdbx_db_accession             Q86BX0 
_struct_ref_seq.db_align_beg                  23 
_struct_ref_seq.pdbx_db_align_beg_ins_code    ? 
_struct_ref_seq.db_align_end                  60 
_struct_ref_seq.pdbx_db_align_end_ins_code    ? 
_struct_ref_seq.pdbx_auth_seq_align_beg       0 
_struct_ref_seq.pdbx_auth_seq_align_end       37 
# 
loop_
_struct_ref_seq_dif.align_id 
_struct_ref_seq_dif.pdbx_pdb_id_code 
_struct_ref_seq_dif.mon_id 
_struct_ref_seq_dif.pdbx_pdb_strand_id 
_struct_ref_seq_dif.seq_num 
_struct_ref_seq_dif.pdbx_pdb_ins_code 
_struct_ref_seq_dif.pdbx_seq_db_name 
_struct_ref_seq_dif.pdbx_seq_db_accession_code 
_struct_ref_seq_dif.db_mon_id 
_struct_ref_seq_dif.pdbx_seq_db_seq_num 
_struct_ref_seq_dif.details 
_struct_ref_seq_dif.pdbx_auth_seq_num 
_struct_ref_seq_dif.pdbx_ordinal 
1 6AY8 GLY A 1  ? UNP Q86BX0 ?   ?  'expression tag' -2 1 
1 6AY8 SER A 2  ? UNP Q86BX0 ?   ?  'expression tag' -1 2 
1 6AY8 ARG A 9  ? UNP Q86BX0 LYS 29 conflict         6  3 
1 6AY8 ARG A 29 ? UNP Q86BX0 LYS 49 conflict         26 4 
1 6AY8 ARG A 34 ? UNP Q86BX0 LYS 54 conflict         31 5 
# 
_pdbx_struct_assembly.id                   1 
_pdbx_struct_assembly.details              author_and_software_defined_assembly 
_pdbx_struct_assembly.method_details       PISA 
_pdbx_struct_assembly.oligomeric_details   monomeric 
_pdbx_struct_assembly.oligomeric_count     1 
# 
_pdbx_struct_assembly_gen.assembly_id       1 
_pdbx_struct_assembly_gen.oper_expression   1 
_pdbx_struct_assembly_gen.asym_id_list      A,B,C,D,E 
# 
_pdbx_struct_assembly_auth_evidence.id                     1 
_pdbx_struct_assembly_auth_evidence.assembly_id            1 
_pdbx_struct_assembly_auth_evidence.experimental_support   none 
_pdbx_struct_assembly_auth_evidence.details                ? 
# 
_pdbx_struct_oper_list.id                   1 
_pdbx_struct_oper_list.type                 'identity operation' 
_pdbx_struct_oper_list.name                 1_555 
_pdbx_struct_oper_list.symmetry_operation   x,y,z 
_pdbx_struct_oper_list.matrix[1][1]         1.0000000000 
_pdbx_struct_oper_list.matrix[1][2]         0.0000000000 
_pdbx_struct_oper_list.matrix[1][3]         0.0000000000 
_pdbx_struct_oper_list.vector[1]            0.0000000000 
_pdbx_struct_oper_list.matrix[2][1]         0.0000000000 
_pdbx_struct_oper_list.matrix[2][2]         1.0000000000 
_pdbx_struct_oper_list.matrix[2][3]         0.0000000000 
_pdbx_struct_oper_list.vector[2]            0.0000000000 
_pdbx_struct_oper_list.matrix[3][1]         0.0000000000 
_pdbx_struct_oper_list.matrix[3][2]         0.0000000000 
_pdbx_struct_oper_list.matrix[3][3]         1.0000000000 
_pdbx_struct_oper_list.vector[3]            0.0000000000 
# 
_struct_conf.conf_type_id            HELX_P 
_struct_conf.id                      HELX_P1 
_struct_conf.pdbx_PDB_helix_id       AA1 
_struct_conf.beg_label_comp_id       CYS 
_struct_conf.beg_label_asym_id       A 
_struct_conf.beg_label_seq_id        15 
_struct_conf.pdbx_beg_PDB_ins_code   ? 
_struct_conf.end_label_comp_id       GLY 
_struct_conf.end_label_asym_id       A 
_struct_conf.end_label_seq_id        24 
_struct_conf.pdbx_end_PDB_ins_code   ? 
_struct_conf.beg_auth_comp_id        CYS 
_struct_conf.beg_auth_asym_id        A 
_struct_conf.beg_auth_seq_id         12 
_struct_conf.end_auth_comp_id        GLY 
_struct_conf.end_auth_asym_id        A 
_struct_conf.end_auth_seq_id         21 
_struct_conf.pdbx_PDB_helix_class    1 
_struct_conf.details                 ? 
_struct_conf.pdbx_PDB_helix_length   10 
# 
_struct_conf_type.id          HELX_P 
_struct_conf_type.criteria    ? 
_struct_conf_type.reference   ? 
# 
loop_
_struct_conn.id 
_struct_conn.conn_type_id 
_struct_conn.pdbx_leaving_atom_flag 
_struct_conn.pdbx_PDB_id 
_struct_conn.ptnr1_label_asym_id 
_struct_conn.ptnr1_label_comp_id 
_struct_conn.ptnr1_label_seq_id 
_struct_conn.ptnr1_label_atom_id 
_struct_conn.pdbx_ptnr1_label_alt_id 
_struct_conn.pdbx_ptnr1_PDB_ins_code 
_struct_conn.pdbx_ptnr1_standard_comp_id 
_struct_conn.ptnr1_symmetry 
_struct_conn.ptnr2_label_asym_id 
_struct_conn.ptnr2_label_comp_id 
_struct_conn.ptnr2_label_seq_id 
_struct_conn.ptnr2_label_atom_id 
_struct_conn.pdbx_ptnr2_label_alt_id 
_struct_conn.pdbx_ptnr2_PDB_ins_code 
_struct_conn.ptnr1_auth_asym_id 
_struct_conn.ptnr1_auth_comp_id 
_struct_conn.ptnr1_auth_seq_id 
_struct_conn.ptnr2_auth_asym_id 
_struct_conn.ptnr2_auth_comp_id 
_struct_conn.ptnr2_auth_seq_id 
_struct_conn.ptnr2_symmetry 
_struct_conn.pdbx_ptnr3_label_atom_id 
_struct_conn.pdbx_ptnr3_label_seq_id 
_struct_conn.pdbx_ptnr3_label_comp_id 
_struct_conn.pdbx_ptnr3_label_asym_id 
_struct_conn.pdbx_ptnr3_label_alt_id 
_struct_conn.pdbx_ptnr3_PDB_ins_code 
_struct_conn.details 
_struct_conn.pdbx_dist_value 
_struct_conn.pdbx_value_order 
_struct_conn.pdbx_role 
disulf1 disulf ? ? A CYS 10 SG ? ? ? 1_555 A CYS 30 SG ? ? A CYS 7  A CYS 27 1_555 ? ? ? ? ? ? ? 2.067 ? ? 
disulf2 disulf ? ? A CYS 15 SG ? ? ? 1_555 A CYS 35 SG ? ? A CYS 12 A CYS 32 1_555 ? ? ? ? ? ? ? 2.062 ? ? 
disulf3 disulf ? ? A CYS 19 SG ? ? ? 1_555 A CYS 37 SG ? ? A CYS 16 A CYS 34 1_555 ? ? ? ? ? ? ? 2.013 ? ? 
# 
_struct_conn_type.id          disulf 
_struct_conn_type.criteria    ? 
_struct_conn_type.reference   ? 
# 
loop_
_pdbx_modification_feature.ordinal 
_pdbx_modification_feature.label_comp_id 
_pdbx_modification_feature.label_asym_id 
_pdbx_modification_feature.label_seq_id 
_pdbx_modification_feature.label_alt_id 
_pdbx_modification_feature.modified_residue_label_comp_id 
_pdbx_modification_feature.modified_residue_label_asym_id 
_pdbx_modification_feature.modified_residue_label_seq_id 
_pdbx_modification_feature.modified_residue_label_alt_id 
_pdbx_modification_feature.auth_comp_id 
_pdbx_modification_feature.auth_asym_id 
_pdbx_modification_feature.auth_seq_id 
_pdbx_modification_feature.PDB_ins_code 
_pdbx_modification_feature.symmetry 
_pdbx_modification_feature.modified_residue_auth_comp_id 
_pdbx_modification_feature.modified_residue_auth_asym_id 
_pdbx_modification_feature.modified_residue_auth_seq_id 
_pdbx_modification_feature.modified_residue_PDB_ins_code 
_pdbx_modification_feature.modified_residue_symmetry 
_pdbx_modification_feature.comp_id_linking_atom 
_pdbx_modification_feature.modified_residue_id_linking_atom 
_pdbx_modification_feature.modified_residue_id 
_pdbx_modification_feature.ref_pcm_id 
_pdbx_modification_feature.ref_comp_id 
_pdbx_modification_feature.type 
_pdbx_modification_feature.category 
1 CYS A 10 ? CYS A 30 ? CYS A 7  ? 1_555 CYS A 27 ? 1_555 SG SG . . . None 'Disulfide bridge' 
2 CYS A 15 ? CYS A 35 ? CYS A 12 ? 1_555 CYS A 32 ? 1_555 SG SG . . . None 'Disulfide bridge' 
3 CYS A 19 ? CYS A 37 ? CYS A 16 ? 1_555 CYS A 34 ? 1_555 SG SG . . . None 'Disulfide bridge' 
# 
_struct_sheet.id               AA1 
_struct_sheet.type             ? 
_struct_sheet.number_strands   3 
_struct_sheet.details          ? 
# 
loop_
_struct_sheet_order.sheet_id 
_struct_sheet_order.range_id_1 
_struct_sheet_order.range_id_2 
_struct_sheet_order.offset 
_struct_sheet_order.sense 
AA1 1 2 ? anti-parallel 
AA1 2 3 ? anti-parallel 
# 
loop_
_struct_sheet_range.sheet_id 
_struct_sheet_range.id 
_struct_sheet_range.beg_label_comp_id 
_struct_sheet_range.beg_label_asym_id 
_struct_sheet_range.beg_label_seq_id 
_struct_sheet_range.pdbx_beg_PDB_ins_code 
_struct_sheet_range.end_label_comp_id 
_struct_sheet_range.end_label_asym_id 
_struct_sheet_range.end_label_seq_id 
_struct_sheet_range.pdbx_end_PDB_ins_code 
_struct_sheet_range.beg_auth_comp_id 
_struct_sheet_range.beg_auth_asym_id 
_struct_sheet_range.beg_auth_seq_id 
_struct_sheet_range.end_auth_comp_id 
_struct_sheet_range.end_auth_asym_id 
_struct_sheet_range.end_auth_seq_id 
AA1 1 VAL A 4  ? ARG A 9  ? VAL A 1  ARG A 6  
AA1 2 ARG A 34 ? CYS A 37 ? ARG A 31 CYS A 34 
AA1 3 GLY A 28 ? ILE A 31 ? GLY A 25 ILE A 28 
# 
loop_
_pdbx_struct_sheet_hbond.sheet_id 
_pdbx_struct_sheet_hbond.range_id_1 
_pdbx_struct_sheet_hbond.range_id_2 
_pdbx_struct_sheet_hbond.range_1_label_atom_id 
_pdbx_struct_sheet_hbond.range_1_label_comp_id 
_pdbx_struct_sheet_hbond.range_1_label_asym_id 
_pdbx_struct_sheet_hbond.range_1_label_seq_id 
_pdbx_struct_sheet_hbond.range_1_PDB_ins_code 
_pdbx_struct_sheet_hbond.range_1_auth_atom_id 
_pdbx_struct_sheet_hbond.range_1_auth_comp_id 
_pdbx_struct_sheet_hbond.range_1_auth_asym_id 
_pdbx_struct_sheet_hbond.range_1_auth_seq_id 
_pdbx_struct_sheet_hbond.range_2_label_atom_id 
_pdbx_struct_sheet_hbond.range_2_label_comp_id 
_pdbx_struct_sheet_hbond.range_2_label_asym_id 
_pdbx_struct_sheet_hbond.range_2_label_seq_id 
_pdbx_struct_sheet_hbond.range_2_PDB_ins_code 
_pdbx_struct_sheet_hbond.range_2_auth_atom_id 
_pdbx_struct_sheet_hbond.range_2_auth_comp_id 
_pdbx_struct_sheet_hbond.range_2_auth_asym_id 
_pdbx_struct_sheet_hbond.range_2_auth_seq_id 
AA1 1 2 N VAL A 4  ? N VAL A 1  O CYS A 37 ? O CYS A 34 
AA1 2 3 O ARG A 34 ? O ARG A 31 N ILE A 31 ? N ILE A 28 
# 
loop_
_struct_site.id 
_struct_site.pdbx_evidence_code 
_struct_site.pdbx_auth_asym_id 
_struct_site.pdbx_auth_comp_id 
_struct_site.pdbx_auth_seq_id 
_struct_site.pdbx_auth_ins_code 
_struct_site.pdbx_num_residues 
_struct_site.details 
AC1 Software A SO4 101 ? 7 'binding site for residue SO4 A 101' 
AC2 Software A SO4 102 ? 7 'binding site for residue SO4 A 102' 
AC3 Software A SO4 103 ? 9 'binding site for residue SO4 A 103' 
# 
loop_
_struct_site_gen.id 
_struct_site_gen.site_id 
_struct_site_gen.pdbx_num_res 
_struct_site_gen.label_comp_id 
_struct_site_gen.label_asym_id 
_struct_site_gen.label_seq_id 
_struct_site_gen.pdbx_auth_ins_code 
_struct_site_gen.auth_comp_id 
_struct_site_gen.auth_asym_id 
_struct_site_gen.auth_seq_id 
_struct_site_gen.label_atom_id 
_struct_site_gen.label_alt_id 
_struct_site_gen.symmetry 
_struct_site_gen.details 
1  AC1 7 GLY A 1  ? GLY A -2  . ? 1_655 ? 
2  AC1 7 SER A 2  ? SER A -1  . ? 1_655 ? 
3  AC1 7 ARG A 9  ? ARG A 6   . ? 3_555 ? 
4  AC1 7 ARG A 29 ? ARG A 26  . ? 1_555 ? 
5  AC1 7 HOH E .  ? HOH A 203 . ? 1_555 ? 
6  AC1 7 HOH E .  ? HOH A 209 . ? 1_555 ? 
7  AC1 7 HOH E .  ? HOH A 211 . ? 1_555 ? 
8  AC2 7 VAL A 4  ? VAL A 1   . ? 1_555 ? 
9  AC2 7 ARG A 9  ? ARG A 6   . ? 4_445 ? 
10 AC2 7 SER A 17 ? SER A 14  . ? 1_455 ? 
11 AC2 7 ILE A 23 ? ILE A 20  . ? 1_555 ? 
12 AC2 7 ARG A 34 ? ARG A 31  . ? 4_445 ? 
13 AC2 7 ARG A 39 ? ARG A 36  . ? 1_555 ? 
14 AC2 7 HOH E .  ? HOH A 201 . ? 1_555 ? 
15 AC3 9 SER A 2  ? SER A -1  . ? 2_454 ? 
16 AC3 9 GLY A 1  ? GLY A -2  . ? 2_454 ? 
17 AC3 9 GLN A 3  ? GLN A 0   . ? 2_454 ? 
18 AC3 9 ARG A 20 ? ARG A 17  . ? 1_555 ? 
19 AC3 9 ARG A 21 ? ARG A 18  . ? 1_555 ? 
20 AC3 9 TYR A 38 ? TYR A 35  . ? 2_454 ? 
21 AC3 9 HOH E .  ? HOH A 202 . ? 1_555 ? 
22 AC3 9 HOH E .  ? HOH A 206 . ? 2_454 ? 
23 AC3 9 HOH E .  ? HOH A 216 . ? 1_555 ? 
# 
_pdbx_entry_details.entry_id                   6AY8 
_pdbx_entry_details.compound_details           ? 
_pdbx_entry_details.source_details             ? 
_pdbx_entry_details.nonpolymer_details         ? 
_pdbx_entry_details.sequence_details           ? 
_pdbx_entry_details.has_ligand_of_interest     ? 
_pdbx_entry_details.has_protein_modification   Y 
# 
_pdbx_validate_close_contact.id               1 
_pdbx_validate_close_contact.PDB_model_num    1 
_pdbx_validate_close_contact.auth_atom_id_1   O 
_pdbx_validate_close_contact.auth_asym_id_1   A 
_pdbx_validate_close_contact.auth_comp_id_1   HOH 
_pdbx_validate_close_contact.auth_seq_id_1    230 
_pdbx_validate_close_contact.PDB_ins_code_1   ? 
_pdbx_validate_close_contact.label_alt_id_1   ? 
_pdbx_validate_close_contact.auth_atom_id_2   O 
_pdbx_validate_close_contact.auth_asym_id_2   A 
_pdbx_validate_close_contact.auth_comp_id_2   HOH 
_pdbx_validate_close_contact.auth_seq_id_2    232 
_pdbx_validate_close_contact.PDB_ins_code_2   ? 
_pdbx_validate_close_contact.label_alt_id_2   ? 
_pdbx_validate_close_contact.dist             2.06 
# 
_pdbx_validate_rmsd_angle.id                         1 
_pdbx_validate_rmsd_angle.PDB_model_num              1 
_pdbx_validate_rmsd_angle.auth_atom_id_1             NE 
_pdbx_validate_rmsd_angle.auth_asym_id_1             A 
_pdbx_validate_rmsd_angle.auth_comp_id_1             ARG 
_pdbx_validate_rmsd_angle.auth_seq_id_1              18 
_pdbx_validate_rmsd_angle.PDB_ins_code_1             ? 
_pdbx_validate_rmsd_angle.label_alt_id_1             ? 
_pdbx_validate_rmsd_angle.auth_atom_id_2             CZ 
_pdbx_validate_rmsd_angle.auth_asym_id_2             A 
_pdbx_validate_rmsd_angle.auth_comp_id_2             ARG 
_pdbx_validate_rmsd_angle.auth_seq_id_2              18 
_pdbx_validate_rmsd_angle.PDB_ins_code_2             ? 
_pdbx_validate_rmsd_angle.label_alt_id_2             ? 
_pdbx_validate_rmsd_angle.auth_atom_id_3             NH2 
_pdbx_validate_rmsd_angle.auth_asym_id_3             A 
_pdbx_validate_rmsd_angle.auth_comp_id_3             ARG 
_pdbx_validate_rmsd_angle.auth_seq_id_3              18 
_pdbx_validate_rmsd_angle.PDB_ins_code_3             ? 
_pdbx_validate_rmsd_angle.label_alt_id_3             ? 
_pdbx_validate_rmsd_angle.angle_value                116.77 
_pdbx_validate_rmsd_angle.angle_target_value         120.30 
_pdbx_validate_rmsd_angle.angle_deviation            -3.53 
_pdbx_validate_rmsd_angle.angle_standard_deviation   0.50 
_pdbx_validate_rmsd_angle.linker_flag                N 
# 
loop_
_chem_comp_atom.comp_id 
_chem_comp_atom.atom_id 
_chem_comp_atom.type_symbol 
_chem_comp_atom.pdbx_aromatic_flag 
_chem_comp_atom.pdbx_stereo_config 
_chem_comp_atom.pdbx_ordinal 
ALA N    N N N 1   
ALA CA   C N S 2   
ALA C    C N N 3   
ALA O    O N N 4   
ALA CB   C N N 5   
ALA OXT  O N N 6   
ALA H    H N N 7   
ALA H2   H N N 8   
ALA HA   H N N 9   
ALA HB1  H N N 10  
ALA HB2  H N N 11  
ALA HB3  H N N 12  
ALA HXT  H N N 13  
ARG N    N N N 14  
ARG CA   C N S 15  
ARG C    C N N 16  
ARG O    O N N 17  
ARG CB   C N N 18  
ARG CG   C N N 19  
ARG CD   C N N 20  
ARG NE   N N N 21  
ARG CZ   C N N 22  
ARG NH1  N N N 23  
ARG NH2  N N N 24  
ARG OXT  O N N 25  
ARG H    H N N 26  
ARG H2   H N N 27  
ARG HA   H N N 28  
ARG HB2  H N N 29  
ARG HB3  H N N 30  
ARG HG2  H N N 31  
ARG HG3  H N N 32  
ARG HD2  H N N 33  
ARG HD3  H N N 34  
ARG HE   H N N 35  
ARG HH11 H N N 36  
ARG HH12 H N N 37  
ARG HH21 H N N 38  
ARG HH22 H N N 39  
ARG HXT  H N N 40  
ASN N    N N N 41  
ASN CA   C N S 42  
ASN C    C N N 43  
ASN O    O N N 44  
ASN CB   C N N 45  
ASN CG   C N N 46  
ASN OD1  O N N 47  
ASN ND2  N N N 48  
ASN OXT  O N N 49  
ASN H    H N N 50  
ASN H2   H N N 51  
ASN HA   H N N 52  
ASN HB2  H N N 53  
ASN HB3  H N N 54  
ASN HD21 H N N 55  
ASN HD22 H N N 56  
ASN HXT  H N N 57  
CYS N    N N N 58  
CYS CA   C N R 59  
CYS C    C N N 60  
CYS O    O N N 61  
CYS CB   C N N 62  
CYS SG   S N N 63  
CYS OXT  O N N 64  
CYS H    H N N 65  
CYS H2   H N N 66  
CYS HA   H N N 67  
CYS HB2  H N N 68  
CYS HB3  H N N 69  
CYS HG   H N N 70  
CYS HXT  H N N 71  
GLN N    N N N 72  
GLN CA   C N S 73  
GLN C    C N N 74  
GLN O    O N N 75  
GLN CB   C N N 76  
GLN CG   C N N 77  
GLN CD   C N N 78  
GLN OE1  O N N 79  
GLN NE2  N N N 80  
GLN OXT  O N N 81  
GLN H    H N N 82  
GLN H2   H N N 83  
GLN HA   H N N 84  
GLN HB2  H N N 85  
GLN HB3  H N N 86  
GLN HG2  H N N 87  
GLN HG3  H N N 88  
GLN HE21 H N N 89  
GLN HE22 H N N 90  
GLN HXT  H N N 91  
GLU N    N N N 92  
GLU CA   C N S 93  
GLU C    C N N 94  
GLU O    O N N 95  
GLU CB   C N N 96  
GLU CG   C N N 97  
GLU CD   C N N 98  
GLU OE1  O N N 99  
GLU OE2  O N N 100 
GLU OXT  O N N 101 
GLU H    H N N 102 
GLU H2   H N N 103 
GLU HA   H N N 104 
GLU HB2  H N N 105 
GLU HB3  H N N 106 
GLU HG2  H N N 107 
GLU HG3  H N N 108 
GLU HE2  H N N 109 
GLU HXT  H N N 110 
GLY N    N N N 111 
GLY CA   C N N 112 
GLY C    C N N 113 
GLY O    O N N 114 
GLY OXT  O N N 115 
GLY H    H N N 116 
GLY H2   H N N 117 
GLY HA2  H N N 118 
GLY HA3  H N N 119 
GLY HXT  H N N 120 
HOH O    O N N 121 
HOH H1   H N N 122 
HOH H2   H N N 123 
ILE N    N N N 124 
ILE CA   C N S 125 
ILE C    C N N 126 
ILE O    O N N 127 
ILE CB   C N S 128 
ILE CG1  C N N 129 
ILE CG2  C N N 130 
ILE CD1  C N N 131 
ILE OXT  O N N 132 
ILE H    H N N 133 
ILE H2   H N N 134 
ILE HA   H N N 135 
ILE HB   H N N 136 
ILE HG12 H N N 137 
ILE HG13 H N N 138 
ILE HG21 H N N 139 
ILE HG22 H N N 140 
ILE HG23 H N N 141 
ILE HD11 H N N 142 
ILE HD12 H N N 143 
ILE HD13 H N N 144 
ILE HXT  H N N 145 
LYS N    N N N 146 
LYS CA   C N S 147 
LYS C    C N N 148 
LYS O    O N N 149 
LYS CB   C N N 150 
LYS CG   C N N 151 
LYS CD   C N N 152 
LYS CE   C N N 153 
LYS NZ   N N N 154 
LYS OXT  O N N 155 
LYS H    H N N 156 
LYS H2   H N N 157 
LYS HA   H N N 158 
LYS HB2  H N N 159 
LYS HB3  H N N 160 
LYS HG2  H N N 161 
LYS HG3  H N N 162 
LYS HD2  H N N 163 
LYS HD3  H N N 164 
LYS HE2  H N N 165 
LYS HE3  H N N 166 
LYS HZ1  H N N 167 
LYS HZ2  H N N 168 
LYS HZ3  H N N 169 
LYS HXT  H N N 170 
SER N    N N N 171 
SER CA   C N S 172 
SER C    C N N 173 
SER O    O N N 174 
SER CB   C N N 175 
SER OG   O N N 176 
SER OXT  O N N 177 
SER H    H N N 178 
SER H2   H N N 179 
SER HA   H N N 180 
SER HB2  H N N 181 
SER HB3  H N N 182 
SER HG   H N N 183 
SER HXT  H N N 184 
SO4 S    S N N 185 
SO4 O1   O N N 186 
SO4 O2   O N N 187 
SO4 O3   O N N 188 
SO4 O4   O N N 189 
THR N    N N N 190 
THR CA   C N S 191 
THR C    C N N 192 
THR O    O N N 193 
THR CB   C N R 194 
THR OG1  O N N 195 
THR CG2  C N N 196 
THR OXT  O N N 197 
THR H    H N N 198 
THR H2   H N N 199 
THR HA   H N N 200 
THR HB   H N N 201 
THR HG1  H N N 202 
THR HG21 H N N 203 
THR HG22 H N N 204 
THR HG23 H N N 205 
THR HXT  H N N 206 
TYR N    N N N 207 
TYR CA   C N S 208 
TYR C    C N N 209 
TYR O    O N N 210 
TYR CB   C N N 211 
TYR CG   C Y N 212 
TYR CD1  C Y N 213 
TYR CD2  C Y N 214 
TYR CE1  C Y N 215 
TYR CE2  C Y N 216 
TYR CZ   C Y N 217 
TYR OH   O N N 218 
TYR OXT  O N N 219 
TYR H    H N N 220 
TYR H2   H N N 221 
TYR HA   H N N 222 
TYR HB2  H N N 223 
TYR HB3  H N N 224 
TYR HD1  H N N 225 
TYR HD2  H N N 226 
TYR HE1  H N N 227 
TYR HE2  H N N 228 
TYR HH   H N N 229 
TYR HXT  H N N 230 
VAL N    N N N 231 
VAL CA   C N S 232 
VAL C    C N N 233 
VAL O    O N N 234 
VAL CB   C N N 235 
VAL CG1  C N N 236 
VAL CG2  C N N 237 
VAL OXT  O N N 238 
VAL H    H N N 239 
VAL H2   H N N 240 
VAL HA   H N N 241 
VAL HB   H N N 242 
VAL HG11 H N N 243 
VAL HG12 H N N 244 
VAL HG13 H N N 245 
VAL HG21 H N N 246 
VAL HG22 H N N 247 
VAL HG23 H N N 248 
VAL HXT  H N N 249 
# 
loop_
_chem_comp_bond.comp_id 
_chem_comp_bond.atom_id_1 
_chem_comp_bond.atom_id_2 
_chem_comp_bond.value_order 
_chem_comp_bond.pdbx_aromatic_flag 
_chem_comp_bond.pdbx_stereo_config 
_chem_comp_bond.pdbx_ordinal 
ALA N   CA   sing N N 1   
ALA N   H    sing N N 2   
ALA N   H2   sing N N 3   
ALA CA  C    sing N N 4   
ALA CA  CB   sing N N 5   
ALA CA  HA   sing N N 6   
ALA C   O    doub N N 7   
ALA C   OXT  sing N N 8   
ALA CB  HB1  sing N N 9   
ALA CB  HB2  sing N N 10  
ALA CB  HB3  sing N N 11  
ALA OXT HXT  sing N N 12  
ARG N   CA   sing N N 13  
ARG N   H    sing N N 14  
ARG N   H2   sing N N 15  
ARG CA  C    sing N N 16  
ARG CA  CB   sing N N 17  
ARG CA  HA   sing N N 18  
ARG C   O    doub N N 19  
ARG C   OXT  sing N N 20  
ARG CB  CG   sing N N 21  
ARG CB  HB2  sing N N 22  
ARG CB  HB3  sing N N 23  
ARG CG  CD   sing N N 24  
ARG CG  HG2  sing N N 25  
ARG CG  HG3  sing N N 26  
ARG CD  NE   sing N N 27  
ARG CD  HD2  sing N N 28  
ARG CD  HD3  sing N N 29  
ARG NE  CZ   sing N N 30  
ARG NE  HE   sing N N 31  
ARG CZ  NH1  sing N N 32  
ARG CZ  NH2  doub N N 33  
ARG NH1 HH11 sing N N 34  
ARG NH1 HH12 sing N N 35  
ARG NH2 HH21 sing N N 36  
ARG NH2 HH22 sing N N 37  
ARG OXT HXT  sing N N 38  
ASN N   CA   sing N N 39  
ASN N   H    sing N N 40  
ASN N   H2   sing N N 41  
ASN CA  C    sing N N 42  
ASN CA  CB   sing N N 43  
ASN CA  HA   sing N N 44  
ASN C   O    doub N N 45  
ASN C   OXT  sing N N 46  
ASN CB  CG   sing N N 47  
ASN CB  HB2  sing N N 48  
ASN CB  HB3  sing N N 49  
ASN CG  OD1  doub N N 50  
ASN CG  ND2  sing N N 51  
ASN ND2 HD21 sing N N 52  
ASN ND2 HD22 sing N N 53  
ASN OXT HXT  sing N N 54  
CYS N   CA   sing N N 55  
CYS N   H    sing N N 56  
CYS N   H2   sing N N 57  
CYS CA  C    sing N N 58  
CYS CA  CB   sing N N 59  
CYS CA  HA   sing N N 60  
CYS C   O    doub N N 61  
CYS C   OXT  sing N N 62  
CYS CB  SG   sing N N 63  
CYS CB  HB2  sing N N 64  
CYS CB  HB3  sing N N 65  
CYS SG  HG   sing N N 66  
CYS OXT HXT  sing N N 67  
GLN N   CA   sing N N 68  
GLN N   H    sing N N 69  
GLN N   H2   sing N N 70  
GLN CA  C    sing N N 71  
GLN CA  CB   sing N N 72  
GLN CA  HA   sing N N 73  
GLN C   O    doub N N 74  
GLN C   OXT  sing N N 75  
GLN CB  CG   sing N N 76  
GLN CB  HB2  sing N N 77  
GLN CB  HB3  sing N N 78  
GLN CG  CD   sing N N 79  
GLN CG  HG2  sing N N 80  
GLN CG  HG3  sing N N 81  
GLN CD  OE1  doub N N 82  
GLN CD  NE2  sing N N 83  
GLN NE2 HE21 sing N N 84  
GLN NE2 HE22 sing N N 85  
GLN OXT HXT  sing N N 86  
GLU N   CA   sing N N 87  
GLU N   H    sing N N 88  
GLU N   H2   sing N N 89  
GLU CA  C    sing N N 90  
GLU CA  CB   sing N N 91  
GLU CA  HA   sing N N 92  
GLU C   O    doub N N 93  
GLU C   OXT  sing N N 94  
GLU CB  CG   sing N N 95  
GLU CB  HB2  sing N N 96  
GLU CB  HB3  sing N N 97  
GLU CG  CD   sing N N 98  
GLU CG  HG2  sing N N 99  
GLU CG  HG3  sing N N 100 
GLU CD  OE1  doub N N 101 
GLU CD  OE2  sing N N 102 
GLU OE2 HE2  sing N N 103 
GLU OXT HXT  sing N N 104 
GLY N   CA   sing N N 105 
GLY N   H    sing N N 106 
GLY N   H2   sing N N 107 
GLY CA  C    sing N N 108 
GLY CA  HA2  sing N N 109 
GLY CA  HA3  sing N N 110 
GLY C   O    doub N N 111 
GLY C   OXT  sing N N 112 
GLY OXT HXT  sing N N 113 
HOH O   H1   sing N N 114 
HOH O   H2   sing N N 115 
ILE N   CA   sing N N 116 
ILE N   H    sing N N 117 
ILE N   H2   sing N N 118 
ILE CA  C    sing N N 119 
ILE CA  CB   sing N N 120 
ILE CA  HA   sing N N 121 
ILE C   O    doub N N 122 
ILE C   OXT  sing N N 123 
ILE CB  CG1  sing N N 124 
ILE CB  CG2  sing N N 125 
ILE CB  HB   sing N N 126 
ILE CG1 CD1  sing N N 127 
ILE CG1 HG12 sing N N 128 
ILE CG1 HG13 sing N N 129 
ILE CG2 HG21 sing N N 130 
ILE CG2 HG22 sing N N 131 
ILE CG2 HG23 sing N N 132 
ILE CD1 HD11 sing N N 133 
ILE CD1 HD12 sing N N 134 
ILE CD1 HD13 sing N N 135 
ILE OXT HXT  sing N N 136 
LYS N   CA   sing N N 137 
LYS N   H    sing N N 138 
LYS N   H2   sing N N 139 
LYS CA  C    sing N N 140 
LYS CA  CB   sing N N 141 
LYS CA  HA   sing N N 142 
LYS C   O    doub N N 143 
LYS C   OXT  sing N N 144 
LYS CB  CG   sing N N 145 
LYS CB  HB2  sing N N 146 
LYS CB  HB3  sing N N 147 
LYS CG  CD   sing N N 148 
LYS CG  HG2  sing N N 149 
LYS CG  HG3  sing N N 150 
LYS CD  CE   sing N N 151 
LYS CD  HD2  sing N N 152 
LYS CD  HD3  sing N N 153 
LYS CE  NZ   sing N N 154 
LYS CE  HE2  sing N N 155 
LYS CE  HE3  sing N N 156 
LYS NZ  HZ1  sing N N 157 
LYS NZ  HZ2  sing N N 158 
LYS NZ  HZ3  sing N N 159 
LYS OXT HXT  sing N N 160 
SER N   CA   sing N N 161 
SER N   H    sing N N 162 
SER N   H2   sing N N 163 
SER CA  C    sing N N 164 
SER CA  CB   sing N N 165 
SER CA  HA   sing N N 166 
SER C   O    doub N N 167 
SER C   OXT  sing N N 168 
SER CB  OG   sing N N 169 
SER CB  HB2  sing N N 170 
SER CB  HB3  sing N N 171 
SER OG  HG   sing N N 172 
SER OXT HXT  sing N N 173 
SO4 S   O1   doub N N 174 
SO4 S   O2   doub N N 175 
SO4 S   O3   sing N N 176 
SO4 S   O4   sing N N 177 
THR N   CA   sing N N 178 
THR N   H    sing N N 179 
THR N   H2   sing N N 180 
THR CA  C    sing N N 181 
THR CA  CB   sing N N 182 
THR CA  HA   sing N N 183 
THR C   O    doub N N 184 
THR C   OXT  sing N N 185 
THR CB  OG1  sing N N 186 
THR CB  CG2  sing N N 187 
THR CB  HB   sing N N 188 
THR OG1 HG1  sing N N 189 
THR CG2 HG21 sing N N 190 
THR CG2 HG22 sing N N 191 
THR CG2 HG23 sing N N 192 
THR OXT HXT  sing N N 193 
TYR N   CA   sing N N 194 
TYR N   H    sing N N 195 
TYR N   H2   sing N N 196 
TYR CA  C    sing N N 197 
TYR CA  CB   sing N N 198 
TYR CA  HA   sing N N 199 
TYR C   O    doub N N 200 
TYR C   OXT  sing N N 201 
TYR CB  CG   sing N N 202 
TYR CB  HB2  sing N N 203 
TYR CB  HB3  sing N N 204 
TYR CG  CD1  doub Y N 205 
TYR CG  CD2  sing Y N 206 
TYR CD1 CE1  sing Y N 207 
TYR CD1 HD1  sing N N 208 
TYR CD2 CE2  doub Y N 209 
TYR CD2 HD2  sing N N 210 
TYR CE1 CZ   doub Y N 211 
TYR CE1 HE1  sing N N 212 
TYR CE2 CZ   sing Y N 213 
TYR CE2 HE2  sing N N 214 
TYR CZ  OH   sing N N 215 
TYR OH  HH   sing N N 216 
TYR OXT HXT  sing N N 217 
VAL N   CA   sing N N 218 
VAL N   H    sing N N 219 
VAL N   H2   sing N N 220 
VAL CA  C    sing N N 221 
VAL CA  CB   sing N N 222 
VAL CA  HA   sing N N 223 
VAL C   O    doub N N 224 
VAL C   OXT  sing N N 225 
VAL CB  CG1  sing N N 226 
VAL CB  CG2  sing N N 227 
VAL CB  HB   sing N N 228 
VAL CG1 HG11 sing N N 229 
VAL CG1 HG12 sing N N 230 
VAL CG1 HG13 sing N N 231 
VAL CG2 HG21 sing N N 232 
VAL CG2 HG22 sing N N 233 
VAL CG2 HG23 sing N N 234 
VAL OXT HXT  sing N N 235 
# 
_pdbx_initial_refinement_model.id               1 
_pdbx_initial_refinement_model.entity_id_list   ? 
_pdbx_initial_refinement_model.type             'experimental model' 
_pdbx_initial_refinement_model.source_name      PDB 
_pdbx_initial_refinement_model.accession_code   6ATM 
_pdbx_initial_refinement_model.details          ? 
# 
_atom_sites.entry_id                    6AY8 
_atom_sites.fract_transf_matrix[1][1]   -0.04389358 
_atom_sites.fract_transf_matrix[1][2]   -0.00433062 
_atom_sites.fract_transf_matrix[1][3]   -0.02226322 
_atom_sites.fract_transf_matrix[2][1]   -0.01150625 
_atom_sites.fract_transf_matrix[2][2]   0.01783470 
_atom_sites.fract_transf_matrix[2][3]   0.01921623 
_atom_sites.fract_transf_matrix[3][1]   0.00600004 
_atom_sites.fract_transf_matrix[3][2]   0.02102300 
_atom_sites.fract_transf_matrix[3][3]   -0.01591889 
_atom_sites.fract_transf_vector[1]      -0.194829 
_atom_sites.fract_transf_vector[2]      -0.110310 
_atom_sites.fract_transf_vector[3]      0.134006 
# 
loop_
_atom_type.symbol 
C 
N 
O 
S 
# 
loop_
_atom_site.group_PDB 
_atom_site.id 
_atom_site.type_symbol 
_atom_site.label_atom_id 
_atom_site.label_alt_id 
_atom_site.label_comp_id 
_atom_site.label_asym_id 
_atom_site.label_entity_id 
_atom_site.label_seq_id 
_atom_site.pdbx_PDB_ins_code 
_atom_site.Cartn_x 
_atom_site.Cartn_y 
_atom_site.Cartn_z 
_atom_site.occupancy 
_atom_site.B_iso_or_equiv 
_atom_site.pdbx_formal_charge 
_atom_site.auth_seq_id 
_atom_site.auth_comp_id 
_atom_site.auth_asym_id 
_atom_site.auth_atom_id 
_atom_site.pdbx_PDB_model_num 
ATOM   1   N N   . GLY A 1 1  ? 12.904  6.188   -1.050  1.00 16.11 ? -2  GLY A N   1 
ATOM   2   C CA  . GLY A 1 1  ? 11.523  6.571   -0.735  1.00 15.37 ? -2  GLY A CA  1 
ATOM   3   C C   . GLY A 1 1  ? 11.197  5.983   0.596   1.00 13.97 ? -2  GLY A C   1 
ATOM   4   O O   . GLY A 1 1  ? 11.765  4.967   0.984   1.00 15.44 ? -2  GLY A O   1 
ATOM   5   N N   . SER A 1 2  ? 10.330  6.673   1.316   1.00 13.39 ? -1  SER A N   1 
ATOM   6   C CA  . SER A 1 2  ? 9.889   6.255   2.636   1.00 12.76 ? -1  SER A CA  1 
ATOM   7   C C   . SER A 1 2  ? 8.524   5.541   2.573   1.00 12.10 ? -1  SER A C   1 
ATOM   8   O O   . SER A 1 2  ? 7.939   5.240   3.598   1.00 11.66 ? -1  SER A O   1 
ATOM   9   C CB  . SER A 1 2  ? 9.854   7.477   3.578   1.00 13.10 ? -1  SER A CB  1 
ATOM   10  O OG  . SER A 1 2  ? 9.046   8.526   3.074   1.00 13.39 ? -1  SER A OG  1 
ATOM   11  N N   . GLN A 1 3  ? 8.059   5.235   1.365   1.00 11.46 ? 0   GLN A N   1 
ATOM   12  C CA  . GLN A 1 3  ? 6.922   4.310   1.173   1.00 11.80 ? 0   GLN A CA  1 
ATOM   13  C C   . GLN A 1 3  ? 7.173   3.014   1.986   1.00 10.50 ? 0   GLN A C   1 
ATOM   14  O O   . GLN A 1 3  ? 8.335   2.568   2.164   1.00 9.35  ? 0   GLN A O   1 
ATOM   15  C CB  . GLN A 1 3  ? 6.782   3.964   -0.316  1.00 12.13 ? 0   GLN A CB  1 
ATOM   16  C CG  . GLN A 1 3  ? 7.928   3.110   -0.857  1.00 12.97 ? 0   GLN A CG  1 
ATOM   17  C CD  . GLN A 1 3  ? 7.854   2.864   -2.372  1.00 13.83 ? 0   GLN A CD  1 
ATOM   18  O OE1 . GLN A 1 3  ? 7.232   3.648   -3.114  1.00 15.25 ? 0   GLN A OE1 1 
ATOM   19  N NE2 . GLN A 1 3  ? 8.492   1.822   -2.822  1.00 12.81 ? 0   GLN A NE2 1 
ATOM   20  N N   . VAL A 1 4  ? 6.096   2.470   2.553   1.00 10.02 ? 1   VAL A N   1 
ATOM   21  C CA  . VAL A 1 4  ? 6.204   1.206   3.276   1.00 9.85  ? 1   VAL A CA  1 
ATOM   22  C C   . VAL A 1 4  ? 5.780   0.101   2.287   1.00 10.00 ? 1   VAL A C   1 
ATOM   23  O O   . VAL A 1 4  ? 4.624   0.029   1.879   1.00 8.90  ? 1   VAL A O   1 
ATOM   24  C CB  . VAL A 1 4  ? 5.345   1.174   4.574   1.00 10.34 ? 1   VAL A CB  1 
ATOM   25  C CG1 . VAL A 1 4  ? 5.524   -0.181  5.235   1.00 11.16 ? 1   VAL A CG1 1 
ATOM   26  C CG2 . VAL A 1 4  ? 5.741   2.326   5.492   1.00 10.00 ? 1   VAL A CG2 1 
ATOM   27  N N   . GLN A 1 5  ? 6.728   -0.754  1.919   1.00 9.35  ? 2   GLN A N   1 
ATOM   28  C CA  . GLN A 1 5  ? 6.460   -1.834  0.972   1.00 8.82  ? 2   GLN A CA  1 
ATOM   29  C C   . GLN A 1 5  ? 5.761   -3.011  1.640   1.00 8.24  ? 2   GLN A C   1 
ATOM   30  O O   . GLN A 1 5  ? 5.947   -3.242  2.866   1.00 8.82  ? 2   GLN A O   1 
ATOM   31  C CB  . GLN A 1 5  ? 7.770   -2.240  0.332   1.00 9.04  ? 2   GLN A CB  1 
ATOM   32  C CG  . GLN A 1 5  ? 8.411   -1.087  -0.392  1.00 9.46  ? 2   GLN A CG  1 
ATOM   33  C CD  . GLN A 1 5  ? 9.723   -1.438  -1.113  1.00 9.38  ? 2   GLN A CD  1 
ATOM   34  O OE1 . GLN A 1 5  ? 10.337  -2.507  -0.908  1.00 10.38 ? 2   GLN A OE1 1 
ATOM   35  N NE2 . GLN A 1 5  ? 10.133  -0.522  -2.001  1.00 9.80  ? 2   GLN A NE2 1 
ATOM   36  N N   . THR A 1 6  ? 4.910   -3.702  0.874   1.00 7.26  ? 3   THR A N   1 
ATOM   37  C CA  . THR A 1 6  ? 4.082   -4.849  1.381   1.00 7.56  ? 3   THR A CA  1 
ATOM   38  C C   . THR A 1 6  ? 4.191   -6.090  0.476   1.00 8.06  ? 3   THR A C   1 
ATOM   39  O O   . THR A 1 6  ? 4.688   -6.018  -0.632  1.00 9.12  ? 3   THR A O   1 
ATOM   40  C CB  . THR A 1 6  ? 2.582   -4.499  1.545   1.00 7.67  ? 3   THR A CB  1 
ATOM   41  O OG1 . THR A 1 6  ? 1.890   -4.642  0.270   1.00 6.51  ? 3   THR A OG1 1 
ATOM   42  C CG2 . THR A 1 6  ? 2.381   -3.108  2.117   1.00 7.73  ? 3   THR A CG2 1 
ATOM   43  N N   . ASN A 1 7  ? 3.634   -7.213  0.968   1.00 8.23  ? 4   ASN A N   1 
ATOM   44  C CA  . ASN A 1 7  ? 3.526   -8.444  0.232   1.00 7.99  ? 4   ASN A CA  1 
ATOM   45  C C   . ASN A 1 7  ? 2.174   -8.659  -0.448  1.00 7.58  ? 4   ASN A C   1 
ATOM   46  O O   . ASN A 1 7  ? 1.913   -9.770  -0.871  1.00 8.17  ? 4   ASN A O   1 
ATOM   47  C CB  . ASN A 1 7  ? 3.850   -9.647  1.143   1.00 7.86  ? 4   ASN A CB  1 
ATOM   48  C CG  . ASN A 1 7  ? 2.704   -9.996  2.108   1.00 7.89  ? 4   ASN A CG  1 
ATOM   49  O OD1 . ASN A 1 7  ? 1.984   -9.079  2.525   1.00 7.94  ? 4   ASN A OD1 1 
ATOM   50  N ND2 . ASN A 1 7  ? 2.579   -11.265 2.525   1.00 7.08  ? 4   ASN A ND2 1 
ATOM   51  N N   . VAL A 1 8  ? 1.365   -7.641  -0.527  1.00 7.68  ? 5   VAL A N   1 
ATOM   52  C CA  . VAL A 1 8  ? -0.018  -7.784  -1.063  1.00 8.62  ? 5   VAL A CA  1 
ATOM   53  C C   . VAL A 1 8  ? 0.030   -7.400  -2.550  1.00 8.66  ? 5   VAL A C   1 
ATOM   54  O O   . VAL A 1 8  ? 0.538   -6.300  -2.888  1.00 9.00  ? 5   VAL A O   1 
ATOM   55  C CB  . VAL A 1 8  ? -1.030  -6.844  -0.286  1.00 8.83  ? 5   VAL A CB  1 
ATOM   56  C CG1 . VAL A 1 8  ? -2.441  -6.907  -0.965  1.00 8.94  ? 5   VAL A CG1 1 
ATOM   57  C CG2 . VAL A 1 8  ? -0.985  -7.196  1.177   1.00 9.38  ? 5   VAL A CG2 1 
ATOM   58  N N   . ARG A 1 9  ? -0.417  -8.330  -3.423  1.00 8.47  ? 6   ARG A N   1 
ATOM   59  C CA  . ARG A 1 9  ? -0.427  -8.129  -4.855  1.00 9.97  ? 6   ARG A CA  1 
ATOM   60  C C   . ARG A 1 9  ? -1.583  -7.152  -5.284  1.00 8.90  ? 6   ARG A C   1 
ATOM   61  O O   . ARG A 1 9  ? -2.636  -7.015  -4.647  1.00 7.60  ? 6   ARG A O   1 
ATOM   62  C CB  . ARG A 1 9  ? -0.598  -9.455  -5.623  1.00 11.69 ? 6   ARG A CB  1 
ATOM   63  C CG  . ARG A 1 9  ? 0.653   -10.313 -5.660  1.00 15.57 ? 6   ARG A CG  1 
ATOM   64  C CD  . ARG A 1 9  ? 1.726   -9.743  -6.508  1.00 14.80 ? 6   ARG A CD  1 
ATOM   65  N NE  . ARG A 1 9  ? 2.234   -10.661 -7.540  1.00 15.77 ? 6   ARG A NE  1 
ATOM   66  C CZ  . ARG A 1 9  ? 2.652   -10.207 -8.714  1.00 17.09 ? 6   ARG A CZ  1 
ATOM   67  N NH1 . ARG A 1 9  ? 3.109   -11.046 -9.626  1.00 21.24 ? 6   ARG A NH1 1 
ATOM   68  N NH2 . ARG A 1 9  ? 2.565   -8.924  -8.999  1.00 16.33 ? 6   ARG A NH2 1 
ATOM   69  N N   . CYS A 1 10 ? -1.299  -6.471  -6.400  1.00 8.59  ? 7   CYS A N   1 
ATOM   70  C CA  . CYS A 1 10 ? -2.238  -5.576  -7.062  1.00 7.98  ? 7   CYS A CA  1 
ATOM   71  C C   . CYS A 1 10 ? -1.839  -5.378  -8.522  1.00 7.93  ? 7   CYS A C   1 
ATOM   72  O O   . CYS A 1 10 ? -0.675  -5.439  -8.870  1.00 7.53  ? 7   CYS A O   1 
ATOM   73  C CB  . CYS A 1 10 ? -2.358  -4.225  -6.326  1.00 7.95  ? 7   CYS A CB  1 
ATOM   74  S SG  . CYS A 1 10 ? -0.761  -3.407  -6.135  1.00 7.60  ? 7   CYS A SG  1 
ATOM   75  N N   . GLN A 1 11 ? -2.837  -5.135  -9.346  1.00 7.68  ? 8   GLN A N   1 
ATOM   76  C CA  . GLN A 1 11 ? -2.606  -4.797  -10.725 1.00 8.17  ? 8   GLN A CA  1 
ATOM   77  C C   . GLN A 1 11 ? -3.403  -3.501  -11.038 1.00 8.65  ? 8   GLN A C   1 
ATOM   78  O O   . GLN A 1 11 ? -4.272  -3.460  -11.915 1.00 9.24  ? 8   GLN A O   1 
ATOM   79  C CB  . GLN A 1 11 ? -3.018  -5.956  -11.611 1.00 8.72  ? 8   GLN A CB  1 
ATOM   80  C CG  . GLN A 1 11 ? -2.147  -7.204  -11.432 1.00 9.41  ? 8   GLN A CG  1 
ATOM   81  C CD  . GLN A 1 11 ? -0.639  -7.024  -11.700 1.00 9.83  ? 8   GLN A CD  1 
ATOM   82  O OE1 . GLN A 1 11 ? 0.203   -7.864  -11.223 1.00 13.02 ? 8   GLN A OE1 1 
ATOM   83  N NE2 . GLN A 1 11 ? -0.287  -6.057  -12.490 1.00 7.77  ? 8   GLN A NE2 1 
ATOM   84  N N   . GLY A 1 12 ? -3.069  -2.454  -10.308 1.00 9.06  ? 9   GLY A N   1 
ATOM   85  C CA  . GLY A 1 12 ? -3.859  -1.246  -10.294 1.00 8.85  ? 9   GLY A CA  1 
ATOM   86  C C   . GLY A 1 12 ? -4.865  -1.292  -9.164  1.00 9.05  ? 9   GLY A C   1 
ATOM   87  O O   . GLY A 1 12 ? -4.945  -2.267  -8.383  1.00 9.36  ? 9   GLY A O   1 
ATOM   88  N N   . GLY A 1 13 ? -5.674  -0.237  -9.087  1.00 8.63  ? 10  GLY A N   1 
ATOM   89  C CA  . GLY A 1 13 ? -6.701  -0.185  -8.084  1.00 9.02  ? 10  GLY A CA  1 
ATOM   90  C C   . GLY A 1 13 ? -6.213  0.303   -6.755  1.00 8.42  ? 10  GLY A C   1 
ATOM   91  O O   . GLY A 1 13 ? -5.015  0.454   -6.500  1.00 8.75  ? 10  GLY A O   1 
ATOM   92  N N   . SER A 1 14 ? -7.163  0.547   -5.868  1.00 8.90  ? 11  SER A N   1 
ATOM   93  C CA  . SER A 1 14 ? -6.855  1.104   -4.540  1.00 8.50  ? 11  SER A CA  1 
ATOM   94  C C   . SER A 1 14 ? -6.095  0.107   -3.645  1.00 8.50  ? 11  SER A C   1 
ATOM   95  O O   . SER A 1 14 ? -6.401  -1.062  -3.644  1.00 8.54  ? 11  SER A O   1 
ATOM   96  C CB  . SER A 1 14 ? -8.092  1.475   -3.779  1.00 8.01  ? 11  SER A CB  1 
ATOM   97  O OG  . SER A 1 14 ? -7.709  2.152   -2.598  1.00 8.17  ? 11  SER A OG  1 
ATOM   98  N N   . CYS A 1 15 ? -5.119  0.646   -2.901  1.00 8.31  ? 12  CYS A N   1 
ATOM   99  C CA  . CYS A 1 15 ? -4.461  -0.057  -1.821  1.00 8.14  ? 12  CYS A CA  1 
ATOM   100 C C   . CYS A 1 15 ? -4.776  0.597   -0.464  1.00 8.21  ? 12  CYS A C   1 
ATOM   101 O O   . CYS A 1 15 ? -4.178  0.205   0.520   1.00 6.78  ? 12  CYS A O   1 
ATOM   102 C CB  . CYS A 1 15 ? -2.928  -0.046  -2.028  1.00 8.54  ? 12  CYS A CB  1 
ATOM   103 S SG  . CYS A 1 15 ? -2.361  -1.173  -3.336  1.00 8.40  ? 12  CYS A SG  1 
ATOM   104 N N   . ALA A 1 16 ? -5.699  1.557   -0.425  1.00 7.64  ? 13  ALA A N   1 
ATOM   105 C CA  . ALA A 1 16 ? -5.899  2.272   0.837   1.00 8.02  ? 13  ALA A CA  1 
ATOM   106 C C   . ALA A 1 16 ? -6.338  1.387   2.008   1.00 8.55  ? 13  ALA A C   1 
ATOM   107 O O   . ALA A 1 16 ? -5.750  1.432   3.114   1.00 7.37  ? 13  ALA A O   1 
ATOM   108 C CB  . ALA A 1 16 ? -6.833  3.416   0.655   1.00 7.90  ? 13  ALA A CB  1 
ATOM   109 N N   . SER A 1 17 ? -7.399  0.598   1.791   1.00 9.07  ? 14  SER A N   1 
ATOM   110 C CA  . SER A 1 17 ? -7.876  -0.325  2.834   1.00 9.66  ? 14  SER A CA  1 
ATOM   111 C C   . SER A 1 17 ? -6.917  -1.479  3.168   1.00 9.15  ? 14  SER A C   1 
ATOM   112 O O   . SER A 1 17 ? -6.840  -1.907  4.317   1.00 8.87  ? 14  SER A O   1 
ATOM   113 C CB  . SER A 1 17 ? -9.194  -0.922  2.468   1.00 10.14 ? 14  SER A CB  1 
ATOM   114 O OG  . SER A 1 17 ? -10.163 0.102   2.567   1.00 13.53 ? 14  SER A OG  1 
ATOM   115 N N   . VAL A 1 18 ? -6.200  -1.968  2.155   1.00 8.37  ? 15  VAL A N   1 
ATOM   116 C CA  . VAL A 1 18 ? -5.146  -2.946  2.379   1.00 7.60  ? 15  VAL A CA  1 
ATOM   117 C C   . VAL A 1 18 ? -4.150  -2.331  3.389   1.00 7.94  ? 15  VAL A C   1 
ATOM   118 O O   . VAL A 1 18 ? -3.769  -2.961  4.358   1.00 7.57  ? 15  VAL A O   1 
ATOM   119 C CB  . VAL A 1 18 ? -4.441  -3.321  1.045   1.00 7.20  ? 15  VAL A CB  1 
ATOM   120 C CG1 . VAL A 1 18 ? -3.060  -3.919  1.292   1.00 6.99  ? 15  VAL A CG1 1 
ATOM   121 C CG2 . VAL A 1 18 ? -5.340  -4.268  0.244   1.00 7.34  ? 15  VAL A CG2 1 
ATOM   122 N N   . CYS A 1 19 ? -3.802  -1.045  3.190   1.00 7.92  ? 16  CYS A N   1 
ATOM   123 C CA  . CYS A 1 19 ? -2.787  -0.387  3.992   1.00 7.85  ? 16  CYS A CA  1 
ATOM   124 C C   . CYS A 1 19 ? -3.273  -0.126  5.404   1.00 8.52  ? 16  CYS A C   1 
ATOM   125 O O   . CYS A 1 19 ? -2.465  -0.102  6.350   1.00 7.28  ? 16  CYS A O   1 
ATOM   126 C CB  . CYS A 1 19 ? -2.360  0.886   3.310   1.00 8.20  ? 16  CYS A CB  1 
ATOM   127 S SG  . CYS A 1 19 ? -1.299  0.483   1.870   1.00 8.54  ? 16  CYS A SG  1 
ATOM   128 N N   . ARG A 1 20 ? -4.581  0.055   5.565   1.00 8.40  ? 17  ARG A N   1 
ATOM   129 C CA  . ARG A 1 20 ? -5.161  0.165   6.896   1.00 9.52  ? 17  ARG A CA  1 
ATOM   130 C C   . ARG A 1 20 ? -4.782  -1.029  7.769   1.00 9.84  ? 17  ARG A C   1 
ATOM   131 O O   . ARG A 1 20 ? -4.348  -0.892  8.921   1.00 8.91  ? 17  ARG A O   1 
ATOM   132 C CB  . ARG A 1 20 ? -6.685  0.299   6.781   1.00 10.63 ? 17  ARG A CB  1 
ATOM   133 C CG  . ARG A 1 20 ? -7.324  0.444   8.142   1.00 12.14 ? 17  ARG A CG  1 
ATOM   134 C CD  . ARG A 1 20 ? -8.790  0.620   8.028   1.00 14.09 ? 17  ARG A CD  1 
ATOM   135 N NE  . ARG A 1 20 ? -9.422  -0.556  7.403   1.00 16.59 ? 17  ARG A NE  1 
ATOM   136 C CZ  . ARG A 1 20 ? -10.325 -0.513  6.420   1.00 17.22 ? 17  ARG A CZ  1 
ATOM   137 N NH1 . ARG A 1 20 ? -10.713 0.648   5.936   1.00 19.50 ? 17  ARG A NH1 1 
ATOM   138 N NH2 . ARG A 1 20 ? -10.813 -1.630  5.886   1.00 16.41 ? 17  ARG A NH2 1 
ATOM   139 N N   . ARG A 1 21 ? -4.956  -2.206  7.158   1.00 9.11  ? 18  ARG A N   1 
ATOM   140 C CA  . ARG A 1 21 ? -4.502  -3.496  7.721   1.00 9.20  ? 18  ARG A CA  1 
ATOM   141 C C   . ARG A 1 21 ? -2.976  -3.620  7.795   1.00 8.91  ? 18  ARG A C   1 
ATOM   142 O O   . ARG A 1 21 ? -2.456  -4.006  8.817   1.00 9.53  ? 18  ARG A O   1 
ATOM   143 C CB  . ARG A 1 21 ? -5.120  -4.596  6.930   1.00 9.41  ? 18  ARG A CB  1 
ATOM   144 C CG  . ARG A 1 21 ? -4.474  -5.960  7.080   1.00 9.12  ? 18  ARG A CG  1 
ATOM   145 C CD  . ARG A 1 21 ? -5.393  -7.053  6.583   1.00 10.62 ? 18  ARG A CD  1 
ATOM   146 N NE  . ARG A 1 21 ? -6.064  -6.663  5.330   1.00 10.70 ? 18  ARG A NE  1 
ATOM   147 C CZ  . ARG A 1 21 ? -5.708  -7.087  4.119   1.00 11.17 ? 18  ARG A CZ  1 
ATOM   148 N NH1 . ARG A 1 21 ? -4.723  -8.031  3.928   1.00 11.33 ? 18  ARG A NH1 1 
ATOM   149 N NH2 . ARG A 1 21 ? -6.408  -6.607  3.081   1.00 11.99 ? 18  ARG A NH2 1 
ATOM   150 N N   . GLU A 1 22 ? -2.262  -3.358  6.728   1.00 8.29  ? 19  GLU A N   1 
ATOM   151 C CA  . GLU A 1 22 ? -0.843  -3.584  6.728   1.00 8.74  ? 19  GLU A CA  1 
ATOM   152 C C   . GLU A 1 22 ? -0.075  -2.726  7.716   1.00 9.44  ? 19  GLU A C   1 
ATOM   153 O O   . GLU A 1 22 ? 0.795   -3.254  8.429   1.00 11.50 ? 19  GLU A O   1 
ATOM   154 C CB  . GLU A 1 22 ? -0.241  -3.351  5.357   1.00 8.70  ? 19  GLU A CB  1 
ATOM   155 C CG  . GLU A 1 22 ? -0.770  -4.318  4.295   1.00 8.95  ? 19  GLU A CG  1 
ATOM   156 C CD  . GLU A 1 22 ? -0.388  -5.780  4.518   1.00 8.98  ? 19  GLU A CD  1 
ATOM   157 O OE1 . GLU A 1 22 ? 0.776   -6.024  4.805   1.00 10.72 ? 19  GLU A OE1 1 
ATOM   158 O OE2 . GLU A 1 22 ? -1.249  -6.657  4.314   1.00 8.24  ? 19  GLU A OE2 1 
ATOM   159 N N   . ILE A 1 23 ? -0.370  -1.427  7.749   1.00 9.78  ? 20  ILE A N   1 
ATOM   160 C CA  . ILE A 1 23 ? 0.423   -0.472  8.564   1.00 10.25 ? 20  ILE A CA  1 
ATOM   161 C C   . ILE A 1 23 ? -0.369  0.318   9.578   1.00 10.46 ? 20  ILE A C   1 
ATOM   162 O O   . ILE A 1 23 ? 0.218   1.074   10.360  1.00 11.43 ? 20  ILE A O   1 
ATOM   163 C CB  . ILE A 1 23 ? 1.330   0.501   7.734   1.00 10.43 ? 20  ILE A CB  1 
ATOM   164 C CG1 . ILE A 1 23 ? 0.565   1.618   7.006   1.00 10.36 ? 20  ILE A CG1 1 
ATOM   165 C CG2 . ILE A 1 23 ? 2.175   -0.284  6.729   1.00 11.22 ? 20  ILE A CG2 1 
ATOM   166 C CD1 . ILE A 1 23 ? 1.463   2.787   6.586   1.00 11.00 ? 20  ILE A CD1 1 
ATOM   167 N N   . GLY A 1 24 ? -1.690  0.188   9.546   1.00 10.65 ? 21  GLY A N   1 
ATOM   168 C CA  . GLY A 1 24 ? -2.543  0.959   10.444  1.00 10.59 ? 21  GLY A CA  1 
ATOM   169 C C   . GLY A 1 24 ? -2.847  2.333   9.915   1.00 10.16 ? 21  GLY A C   1 
ATOM   170 O O   . GLY A 1 24 ? -3.433  3.112   10.660  1.00 9.06  ? 21  GLY A O   1 
ATOM   171 N N   . VAL A 1 25 ? -2.557  2.619   8.645   1.00 9.52  ? 22  VAL A N   1 
ATOM   172 C CA  . VAL A 1 25 ? -2.878  3.915   7.997   1.00 9.50  ? 22  VAL A CA  1 
ATOM   173 C C   . VAL A 1 25 ? -3.565  3.586   6.654   1.00 8.75  ? 22  VAL A C   1 
ATOM   174 O O   . VAL A 1 25 ? -2.985  2.850   5.849   1.00 8.00  ? 22  VAL A O   1 
ATOM   175 C CB  . VAL A 1 25 ? -1.609  4.730   7.684   1.00 10.43 ? 22  VAL A CB  1 
ATOM   176 C CG1 . VAL A 1 25 ? -2.005  6.091   7.067   1.00 11.10 ? 22  VAL A CG1 1 
ATOM   177 C CG2 . VAL A 1 25 ? -0.762  4.923   8.951   1.00 11.57 ? 22  VAL A CG2 1 
ATOM   178 N N   . ALA A 1 26 ? -4.784  4.091   6.427   1.00 8.41  ? 23  ALA A N   1 
ATOM   179 C CA  . ALA A 1 26 ? -5.546  3.787   5.239   1.00 8.05  ? 23  ALA A CA  1 
ATOM   180 C C   . ALA A 1 26 ? -5.117  4.626   4.014   1.00 8.73  ? 23  ALA A C   1 
ATOM   181 O O   . ALA A 1 26 ? -5.935  5.377   3.427   1.00 9.23  ? 23  ALA A O   1 
ATOM   182 C CB  . ALA A 1 26 ? -7.000  3.979   5.493   1.00 8.59  ? 23  ALA A CB  1 
ATOM   183 N N   . ALA A 1 27 ? -3.845  4.532   3.647   1.00 8.13  ? 24  ALA A N   1 
ATOM   184 C CA  . ALA A 1 27 ? -3.270  5.279   2.526   1.00 8.13  ? 24  ALA A CA  1 
ATOM   185 C C   . ALA A 1 27 ? -2.194  4.487   1.837   1.00 8.51  ? 24  ALA A C   1 
ATOM   186 O O   . ALA A 1 27 ? -1.307  3.969   2.485   1.00 9.10  ? 24  ALA A O   1 
ATOM   187 C CB  . ALA A 1 27 ? -2.692  6.619   2.984   1.00 8.11  ? 24  ALA A CB  1 
ATOM   188 N N   . GLY A 1 28 ? -2.235  4.437   0.518   1.00 7.95  ? 25  GLY A N   1 
ATOM   189 C CA  . GLY A 1 28 ? -1.207  3.707   -0.196  1.00 8.20  ? 25  GLY A CA  1 
ATOM   190 C C   . GLY A 1 28 ? -1.491  3.765   -1.676  1.00 8.97  ? 25  GLY A C   1 
ATOM   191 O O   . GLY A 1 28 ? -2.436  4.434   -2.108  1.00 8.22  ? 25  GLY A O   1 
ATOM   192 N N   . ARG A 1 29 ? -0.723  2.997   -2.446  1.00 8.88  ? 26  ARG A N   1 
ATOM   193 C CA  . ARG A 1 29 ? -0.825  2.999   -3.895  1.00 9.69  ? 26  ARG A CA  1 
ATOM   194 C C   . ARG A 1 29 ? -0.287  1.652   -4.402  1.00 9.29  ? 26  ARG A C   1 
ATOM   195 O O   . ARG A 1 29 ? 0.649   1.131   -3.811  1.00 8.79  ? 26  ARG A O   1 
ATOM   196 C CB  . ARG A 1 29 ? 0.003   4.171   -4.463  1.00 11.23 ? 26  ARG A CB  1 
ATOM   197 C CG  . ARG A 1 29 ? 0.344   4.089   -5.948  1.00 12.38 ? 26  ARG A CG  1 
ATOM   198 C CD  . ARG A 1 29 ? 1.050   5.295   -6.533  1.00 12.80 ? 26  ARG A CD  1 
ATOM   199 N NE  . ARG A 1 29 ? 0.154   6.431   -6.428  1.00 13.22 ? 26  ARG A NE  1 
ATOM   200 C CZ  . ARG A 1 29 ? 0.319   7.433   -5.583  1.00 13.85 ? 26  ARG A CZ  1 
ATOM   201 N NH1 . ARG A 1 29 ? 1.337   7.485   -4.782  1.00 13.06 ? 26  ARG A NH1 1 
ATOM   202 N NH2 . ARG A 1 29 ? -0.556  8.427   -5.551  1.00 14.39 ? 26  ARG A NH2 1 
ATOM   203 N N   . CYS A 1 30 ? -0.871  1.127   -5.484  1.00 8.37  ? 27  CYS A N   1 
ATOM   204 C CA  . CYS A 1 30 ? -0.318  -0.022  -6.198  1.00 8.26  ? 27  CYS A CA  1 
ATOM   205 C C   . CYS A 1 30 ? 0.894   0.418   -7.005  1.00 8.29  ? 27  CYS A C   1 
ATOM   206 O O   . CYS A 1 30 ? 0.732   1.212   -7.953  1.00 8.36  ? 27  CYS A O   1 
ATOM   207 C CB  . CYS A 1 30 ? -1.353  -0.633  -7.142  1.00 7.62  ? 27  CYS A CB  1 
ATOM   208 S SG  . CYS A 1 30 ? -0.735  -2.187  -7.803  1.00 7.81  ? 27  CYS A SG  1 
ATOM   209 N N   . ILE A 1 31 ? 2.078   -0.063  -6.644  1.00 8.36  ? 28  ILE A N   1 
ATOM   210 C CA  . ILE A 1 31 ? 3.284   0.279   -7.433  1.00 8.71  ? 28  ILE A CA  1 
ATOM   211 C C   . ILE A 1 31 ? 3.933   -1.008  -7.929  1.00 8.42  ? 28  ILE A C   1 
ATOM   212 O O   . ILE A 1 31 ? 4.390   -1.836  -7.132  1.00 8.81  ? 28  ILE A O   1 
ATOM   213 C CB  . ILE A 1 31 ? 4.337   1.116   -6.634  1.00 8.58  ? 28  ILE A CB  1 
ATOM   214 C CG1 . ILE A 1 31 ? 3.719   2.462   -6.209  1.00 9.02  ? 28  ILE A CG1 1 
ATOM   215 C CG2 . ILE A 1 31 ? 5.615   1.307   -7.479  1.00 8.51  ? 28  ILE A CG2 1 
ATOM   216 C CD1 . ILE A 1 31 ? 4.691   3.342   -5.459  1.00 9.77  ? 28  ILE A CD1 1 
ATOM   217 N N   . ASN A 1 32 ? 3.957   -1.180  -9.260  1.00 8.46  ? 29  ASN A N   1 
ATOM   218 C CA  . ASN A 1 32 ? 4.709   -2.279  -9.882  1.00 8.33  ? 29  ASN A CA  1 
ATOM   219 C C   . ASN A 1 32 ? 4.318   -3.655  -9.321  1.00 8.32  ? 29  ASN A C   1 
ATOM   220 O O   . ASN A 1 32 ? 5.192   -4.506  -9.056  1.00 8.11  ? 29  ASN A O   1 
ATOM   221 C CB  . ASN A 1 32 ? 6.241   -2.035  -9.760  1.00 8.31  ? 29  ASN A CB  1 
ATOM   222 C CG  . ASN A 1 32 ? 7.057   -2.958  -10.630 1.00 9.05  ? 29  ASN A CG  1 
ATOM   223 O OD1 . ASN A 1 32 ? 6.548   -3.460  -11.667 1.00 9.96  ? 29  ASN A OD1 1 
ATOM   224 N ND2 . ASN A 1 32 ? 8.304   -3.230  -10.212 1.00 8.06  ? 29  ASN A ND2 1 
ATOM   225 N N   . GLY A 1 33 ? 3.004   -3.864  -9.166  1.00 8.28  ? 30  GLY A N   1 
ATOM   226 C CA  . GLY A 1 33 ? 2.464   -5.165  -8.889  1.00 8.17  ? 30  GLY A CA  1 
ATOM   227 C C   . GLY A 1 33 ? 2.234   -5.514  -7.449  1.00 7.93  ? 30  GLY A C   1 
ATOM   228 O O   . GLY A 1 33 ? 1.714   -6.611  -7.187  1.00 8.72  ? 30  GLY A O   1 
ATOM   229 N N   . ARG A 1 34 ? 2.601   -4.621  -6.541  1.00 8.16  ? 31  ARG A N   1 
ATOM   230 C CA  . ARG A 1 34 ? 2.354   -4.746  -5.070  1.00 8.40  ? 31  ARG A CA  1 
ATOM   231 C C   . ARG A 1 34 ? 1.952   -3.443  -4.452  1.00 7.91  ? 31  ARG A C   1 
ATOM   232 O O   . ARG A 1 34 ? 2.279   -2.346  -4.945  1.00 8.70  ? 31  ARG A O   1 
ATOM   233 C CB  . ARG A 1 34 ? 3.562   -5.348  -4.313  1.00 8.65  ? 31  ARG A CB  1 
ATOM   234 C CG  . ARG A 1 34 ? 3.728   -6.861  -4.545  1.00 9.33  ? 31  ARG A CG  1 
ATOM   235 C CD  . ARG A 1 34 ? 5.001   -7.444  -4.055  1.00 10.25 ? 31  ARG A CD  1 
ATOM   236 N NE  . ARG A 1 34 ? 4.983   -8.896  -4.354  1.00 11.26 ? 31  ARG A NE  1 
ATOM   237 C CZ  . ARG A 1 34 ? 5.299   -9.454  -5.529  1.00 13.13 ? 31  ARG A CZ  1 
ATOM   238 N NH1 . ARG A 1 34 ? 5.756   -8.743  -6.550  1.00 13.51 ? 31  ARG A NH1 1 
ATOM   239 N NH2 . ARG A 1 34 ? 5.196   -10.794 -5.670  1.00 14.21 ? 31  ARG A NH2 1 
ATOM   240 N N   . CYS A 1 35 ? 1.211   -3.511  -3.336  1.00 7.53  ? 32  CYS A N   1 
ATOM   241 C CA  . CYS A 1 35 ? 0.846   -2.312  -2.615  1.00 7.25  ? 32  CYS A CA  1 
ATOM   242 C C   . CYS A 1 35 ? 2.031   -1.745  -1.831  1.00 7.14  ? 32  CYS A C   1 
ATOM   243 O O   . CYS A 1 35 ? 2.786   -2.512  -1.222  1.00 7.37  ? 32  CYS A O   1 
ATOM   244 C CB  . CYS A 1 35 ? -0.290  -2.568  -1.610  1.00 7.21  ? 32  CYS A CB  1 
ATOM   245 S SG  . CYS A 1 35 ? -1.910  -2.923  -2.342  1.00 7.25  ? 32  CYS A SG  1 
ATOM   246 N N   . VAL A 1 36 ? 2.139   -0.417  -1.831  1.00 7.09  ? 33  VAL A N   1 
ATOM   247 C CA  . VAL A 1 36 ? 2.959   0.341   -0.866  1.00 7.43  ? 33  VAL A CA  1 
ATOM   248 C C   . VAL A 1 36 ? 1.966   1.154   -0.044  1.00 7.83  ? 33  VAL A C   1 
ATOM   249 O O   . VAL A 1 36 ? 0.852   1.466   -0.496  1.00 7.13  ? 33  VAL A O   1 
ATOM   250 C CB  . VAL A 1 36 ? 4.061   1.255   -1.496  1.00 7.39  ? 33  VAL A CB  1 
ATOM   251 C CG1 . VAL A 1 36 ? 4.905   0.429   -2.472  1.00 7.81  ? 33  VAL A CG1 1 
ATOM   252 C CG2 . VAL A 1 36 ? 3.452   2.482   -2.156  1.00 7.70  ? 33  VAL A CG2 1 
ATOM   253 N N   . CYS A 1 37 ? 2.378   1.438   1.180   1.00 7.69  ? 34  CYS A N   1 
ATOM   254 C CA  . CYS A 1 37 ? 1.573   2.207   2.125   1.00 8.09  ? 34  CYS A CA  1 
ATOM   255 C C   . CYS A 1 37 ? 2.299   3.460   2.607   1.00 8.46  ? 34  CYS A C   1 
ATOM   256 O O   . CYS A 1 37 ? 3.554   3.502   2.606   1.00 9.23  ? 34  CYS A O   1 
ATOM   257 C CB  . CYS A 1 37 ? 1.195   1.313   3.278   1.00 7.82  ? 34  CYS A CB  1 
ATOM   258 S SG  . CYS A 1 37 ? 0.345   -0.222  2.793   1.00 8.30  ? 34  CYS A SG  1 
ATOM   259 N N   . TYR A 1 38 ? 1.516   4.498   2.956   1.00 9.00  ? 35  TYR A N   1 
ATOM   260 C CA  . TYR A 1 38 ? 2.098   5.803   3.348   1.00 9.24  ? 35  TYR A CA  1 
ATOM   261 C C   . TYR A 1 38 ? 1.839   6.118   4.794   1.00 10.37 ? 35  TYR A C   1 
ATOM   262 O O   . TYR A 1 38 ? 0.697   6.232   5.214   1.00 9.10  ? 35  TYR A O   1 
ATOM   263 C CB  . TYR A 1 38 ? 1.599   6.927   2.467   1.00 9.76  ? 35  TYR A CB  1 
ATOM   264 C CG  . TYR A 1 38 ? 1.968   6.713   0.992   1.00 9.00  ? 35  TYR A CG  1 
ATOM   265 C CD1 . TYR A 1 38 ? 3.300   6.537   0.591   1.00 8.95  ? 35  TYR A CD1 1 
ATOM   266 C CD2 . TYR A 1 38 ? 0.990   6.607   -0.004  1.00 9.02  ? 35  TYR A CD2 1 
ATOM   267 C CE1 . TYR A 1 38 ? 3.652   6.352   -0.728  1.00 9.76  ? 35  TYR A CE1 1 
ATOM   268 C CE2 . TYR A 1 38 ? 1.343   6.398   -1.355  1.00 8.80  ? 35  TYR A CE2 1 
ATOM   269 C CZ  . TYR A 1 38 ? 2.680   6.254   -1.724  1.00 9.17  ? 35  TYR A CZ  1 
ATOM   270 O OH  . TYR A 1 38 ? 3.064   6.035   -3.075  1.00 10.59 ? 35  TYR A OH  1 
ATOM   271 N N   . ARG A 1 39 ? 2.948   6.322   5.528   1.00 11.02 ? 36  ARG A N   1 
ATOM   272 C CA  . ARG A 1 39 ? 2.954   6.923   6.831   1.00 13.60 ? 36  ARG A CA  1 
ATOM   273 C C   . ARG A 1 39 ? 3.753   8.201   6.686   1.00 12.77 ? 36  ARG A C   1 
ATOM   274 O O   . ARG A 1 39 ? 4.999   8.201   6.790   1.00 10.98 ? 36  ARG A O   1 
ATOM   275 C CB  . ARG A 1 39 ? 3.616   6.036   7.859   1.00 16.11 ? 36  ARG A CB  1 
ATOM   276 C CG  . ARG A 1 39 ? 3.451   6.653   9.247   1.00 19.11 ? 36  ARG A CG  1 
ATOM   277 C CD  . ARG A 1 39 ? 4.094   5.771   10.289  1.00 21.80 ? 36  ARG A CD  1 
ATOM   278 N NE  . ARG A 1 39 ? 3.452   4.448   10.374  1.00 23.59 ? 36  ARG A NE  1 
ATOM   279 C CZ  . ARG A 1 39 ? 2.287   4.214   10.972  1.00 23.13 ? 36  ARG A CZ  1 
ATOM   280 N NH1 . ARG A 1 39 ? 1.590   5.194   11.502  1.00 24.67 ? 36  ARG A NH1 1 
ATOM   281 N NH2 . ARG A 1 39 ? 1.830   2.992   11.046  1.00 25.58 ? 36  ARG A NH2 1 
ATOM   282 N N   . ASN A 1 40 ? 3.045   9.259   6.324   1.00 12.18 ? 37  ASN A N   1 
ATOM   283 C CA  . ASN A 1 40 ? 3.697   10.552  6.094   1.00 12.00 ? 37  ASN A CA  1 
ATOM   284 C C   . ASN A 1 40 ? 4.800   10.367  5.027   1.00 13.28 ? 37  ASN A C   1 
ATOM   285 O O   . ASN A 1 40 ? 5.881   10.992  5.067   1.00 13.80 ? 37  ASN A O   1 
ATOM   286 C CB  . ASN A 1 40 ? 4.315   11.092  7.395   1.00 11.76 ? 37  ASN A CB  1 
ATOM   287 C CG  . ASN A 1 40 ? 4.721   12.534  7.270   1.00 11.48 ? 37  ASN A CG  1 
ATOM   288 O OD1 . ASN A 1 40 ? 4.097   13.298  6.514   1.00 10.94 ? 37  ASN A OD1 1 
ATOM   289 N ND2 . ASN A 1 40 ? 5.778   12.931  7.995   1.00 9.90  ? 37  ASN A ND2 1 
ATOM   290 O OXT . ASN A 1 40 ? 4.645   9.490   4.118   1.00 14.26 ? 37  ASN A OXT 1 
HETATM 291 S S   . SO4 B 2 .  ? -3.567  6.259   -7.308  1.00 45.42 ? 101 SO4 A S   1 
HETATM 292 O O1  . SO4 B 2 .  ? -3.027  5.091   -8.076  1.00 46.17 ? 101 SO4 A O1  1 
HETATM 293 O O2  . SO4 B 2 .  ? -4.086  5.633   -6.036  1.00 53.35 ? 101 SO4 A O2  1 
HETATM 294 O O3  . SO4 B 2 .  ? -4.620  7.008   -8.028  1.00 43.14 ? 101 SO4 A O3  1 
HETATM 295 O O4  . SO4 B 2 .  ? -2.487  7.237   -7.135  1.00 50.13 ? 101 SO4 A O4  1 
HETATM 296 S S   . SO4 C 2 .  ? 4.805   0.951   10.003  1.00 28.20 ? 102 SO4 A S   1 
HETATM 297 O O1  . SO4 C 2 .  ? 3.450   0.683   10.580  1.00 25.34 ? 102 SO4 A O1  1 
HETATM 298 O O2  . SO4 C 2 .  ? 5.766   0.540   11.073  1.00 33.08 ? 102 SO4 A O2  1 
HETATM 299 O O3  . SO4 C 2 .  ? 5.072   0.204   8.767   1.00 20.04 ? 102 SO4 A O3  1 
HETATM 300 O O4  . SO4 C 2 .  ? 4.815   2.410   9.760   1.00 31.73 ? 102 SO4 A O4  1 
HETATM 301 S S   . SO4 D 2 .  ? -9.214  -4.210  8.179   1.00 18.21 ? 103 SO4 A S   1 
HETATM 302 O O1  . SO4 D 2 .  ? -10.253 -4.002  9.312   1.00 17.34 ? 103 SO4 A O1  1 
HETATM 303 O O2  . SO4 D 2 .  ? -8.424  -5.501  8.248   1.00 18.43 ? 103 SO4 A O2  1 
HETATM 304 O O3  . SO4 D 2 .  ? -9.923  -4.249  6.849   1.00 17.07 ? 103 SO4 A O3  1 
HETATM 305 O O4  . SO4 D 2 .  ? -8.281  -2.984  8.234   1.00 17.38 ? 103 SO4 A O4  1 
HETATM 306 O O   . HOH E 3 .  ? 7.421   0.122   8.213   1.00 15.39 ? 201 HOH A O   1 
HETATM 307 O O   . HOH E 3 .  ? -10.778 -1.658  10.018  1.00 22.53 ? 202 HOH A O   1 
HETATM 308 O O   . HOH E 3 .  ? -6.857  8.102   -7.718  1.00 22.25 ? 203 HOH A O   1 
HETATM 309 O O   . HOH E 3 .  ? -0.296  -9.035  3.980   1.00 7.62  ? 204 HOH A O   1 
HETATM 310 O O   . HOH E 3 .  ? 1.796   -4.497  -12.602 1.00 8.95  ? 205 HOH A O   1 
HETATM 311 O O   . HOH E 3 .  ? 6.393   8.356   2.546   1.00 13.47 ? 206 HOH A O   1 
HETATM 312 O O   . HOH E 3 .  ? -6.330  -5.032  -12.287 1.00 14.75 ? 207 HOH A O   1 
HETATM 313 O O   . HOH E 3 .  ? 6.286   -5.991  -7.195  1.00 12.10 ? 208 HOH A O   1 
HETATM 314 O O   . HOH E 3 .  ? -4.373  7.370   -4.092  1.00 16.43 ? 209 HOH A O   1 
HETATM 315 O O   . HOH E 3 .  ? 3.760   -10.776 -2.443  1.00 10.99 ? 210 HOH A O   1 
HETATM 316 O O   . HOH E 3 .  ? -3.218  2.397   -6.681  1.00 10.88 ? 211 HOH A O   1 
HETATM 317 O O   . HOH E 3 .  ? 1.783   2.989   -9.634  1.00 19.26 ? 212 HOH A O   1 
HETATM 318 O O   . HOH E 3 .  ? -4.468  3.392   -3.500  1.00 11.12 ? 213 HOH A O   1 
HETATM 319 O O   . HOH E 3 .  ? -8.596  5.765   3.152   1.00 11.81 ? 214 HOH A O   1 
HETATM 320 O O   . HOH E 3 .  ? 4.577   -5.274  -12.149 1.00 8.47  ? 215 HOH A O   1 
HETATM 321 O O   . HOH E 3 .  ? -7.398  -2.936  10.816  1.00 13.83 ? 216 HOH A O   1 
HETATM 322 O O   . HOH E 3 .  ? 0.869   -12.197 -0.156  1.00 7.37  ? 217 HOH A O   1 
HETATM 323 O O   . HOH E 3 .  ? 5.393   6.227   3.841   1.00 10.93 ? 218 HOH A O   1 
HETATM 324 O O   . HOH E 3 .  ? 7.008   -5.282  -1.912  1.00 7.83  ? 219 HOH A O   1 
HETATM 325 O O   . HOH E 3 .  ? -5.820  -1.849  -13.525 1.00 13.79 ? 220 HOH A O   1 
HETATM 326 O O   . HOH E 3 .  ? -5.666  -0.904  11.347  1.00 21.11 ? 221 HOH A O   1 
HETATM 327 O O   . HOH E 3 .  ? -9.105  0.699   -0.650  1.00 9.31  ? 222 HOH A O   1 
HETATM 328 O O   . HOH E 3 .  ? 1.354   -2.341  -10.927 1.00 14.73 ? 223 HOH A O   1 
HETATM 329 O O   . HOH E 3 .  ? 10.713  2.220   -4.583  1.00 19.76 ? 224 HOH A O   1 
HETATM 330 O O   . HOH E 3 .  ? 12.956  3.488   -2.029  1.00 18.19 ? 225 HOH A O   1 
HETATM 331 O O   . HOH E 3 .  ? -5.861  5.876   8.426   1.00 17.46 ? 226 HOH A O   1 
HETATM 332 O O   . HOH E 3 .  ? 14.134  7.150   -3.542  1.00 19.96 ? 227 HOH A O   1 
HETATM 333 O O   . HOH E 3 .  ? -7.081  -1.450  -0.674  1.00 7.38  ? 228 HOH A O   1 
HETATM 334 O O   . HOH E 3 .  ? -0.569  -0.242  -10.315 1.00 16.83 ? 229 HOH A O   1 
HETATM 335 O O   . HOH E 3 .  ? 1.749   8.399   11.627  1.00 25.80 ? 230 HOH A O   1 
HETATM 336 O O   . HOH E 3 .  ? 2.998   2.611   14.393  1.00 25.19 ? 231 HOH A O   1 
HETATM 337 O O   . HOH E 3 .  ? 0.948   8.271   13.518  1.00 28.25 ? 232 HOH A O   1 
HETATM 338 O O   . HOH E 3 .  ? -5.254  8.051   6.952   1.00 22.16 ? 233 HOH A O   1 
# 
